data_3LXB
#
_entry.id   3LXB
#
_cell.length_a   59.790
_cell.length_b   106.996
_cell.length_c   181.598
_cell.angle_alpha   90.000
_cell.angle_beta   90.000
_cell.angle_gamma   90.000
#
_symmetry.space_group_name_H-M   'P 21 21 21'
#
loop_
_entity.id
_entity.type
_entity.pdbx_description
1 polymer 'Alpha-galactosidase A'
2 branched alpha-D-mannopyranose-(1-3)-beta-D-mannopyranose-(1-4)-2-acetamido-2-deoxy-beta-D-glucopyranose-(1-4)-2-acetamido-2-deoxy-beta-D-glucopyranose
3 branched 2-acetamido-2-deoxy-beta-D-glucopyranose-(1-4)-2-acetamido-2-deoxy-beta-D-glucopyranose
4 non-polymer 2-acetamido-2-deoxy-beta-D-glucopyranose
5 non-polymer GLYCEROL
6 water water
#
_entity_poly.entity_id   1
_entity_poly.type   'polypeptide(L)'
_entity_poly.pdbx_seq_one_letter_code
;LDNGLARTPTMGWLHWERFMCNLDCQEEPDSCISEKLFMEMAELMVSEGWKDAGYEYLCIDDCWMAPQRDSEGRLQADPQ
RFPHGIRQLANYVHSKGLKLGIYADVGNKTCAGFPGSFGYYDIDAQTFADWGVDLLKFDGCYCDSLENLADGYKHMSLAL
NRTGRSIVYSCSWPAYMWPFQKPNYTEIRQYCNHWRNFADIDDSWKSIKSILDWTSFNQERIVDVAGPGGWNDPDMLVIG
NFGLSWNQQVTQMALWAIMAAPLFMSNDLRHISPQAKALLQDKDVIAINQDPLGKQGYQLRQGDNFEVWERPLSGLAWAV
AMINRQEIGGPRSYTIAVASLGKGVACNPACFITQLLPVKRKLGFYEWTSRLRSHINPTGTVLLQLENTMQMSLKDLLHH
HHHH
;
_entity_poly.pdbx_strand_id   A,B
#
loop_
_chem_comp.id
_chem_comp.type
_chem_comp.name
_chem_comp.formula
BMA D-saccharide, beta linking beta-D-mannopyranose 'C6 H12 O6'
GOL non-polymer GLYCEROL 'C3 H8 O3'
MAN D-saccharide, alpha linking alpha-D-mannopyranose 'C6 H12 O6'
NAG D-saccharide, beta linking 2-acetamido-2-deoxy-beta-D-glucopyranose 'C8 H15 N O6'
#
# COMPACT_ATOMS: atom_id res chain seq x y z
N LEU A 1 -18.29 29.33 7.52
CA LEU A 1 -18.75 30.01 8.77
C LEU A 1 -18.07 31.36 8.94
N ASP A 2 -18.87 32.39 9.14
CA ASP A 2 -18.36 33.77 9.17
C ASP A 2 -17.86 34.18 10.57
N ASN A 3 -16.90 33.43 11.10
CA ASN A 3 -16.32 33.75 12.40
C ASN A 3 -14.86 34.19 12.32
N GLY A 4 -14.40 34.53 11.12
CA GLY A 4 -13.04 35.01 10.90
C GLY A 4 -11.96 33.96 11.09
N LEU A 5 -12.38 32.72 11.34
CA LEU A 5 -11.44 31.61 11.48
C LEU A 5 -11.29 30.79 10.20
N ALA A 6 -10.23 29.98 10.15
CA ALA A 6 -9.91 29.13 9.00
C ALA A 6 -10.03 29.87 7.68
N ARG A 7 -9.29 30.97 7.55
CA ARG A 7 -9.27 31.75 6.31
C ARG A 7 -8.45 31.01 5.27
N THR A 8 -7.54 30.16 5.75
CA THR A 8 -6.89 29.14 4.94
C THR A 8 -7.18 27.84 5.67
N PRO A 9 -7.14 26.68 4.97
CA PRO A 9 -7.44 25.42 5.64
C PRO A 9 -6.69 25.23 6.98
N THR A 10 -7.42 24.75 7.98
CA THR A 10 -6.87 24.48 9.31
C THR A 10 -5.84 23.36 9.24
N MET A 11 -4.72 23.54 9.94
CA MET A 11 -3.69 22.51 10.03
C MET A 11 -3.51 22.05 11.45
N GLY A 12 -3.07 20.80 11.62
CA GLY A 12 -2.80 20.29 12.96
C GLY A 12 -2.65 18.79 13.06
N TRP A 13 -2.96 18.27 14.24
CA TRP A 13 -2.76 16.86 14.57
C TRP A 13 -3.98 16.31 15.31
N LEU A 14 -4.45 15.15 14.87
CA LEU A 14 -5.63 14.52 15.44
C LEU A 14 -5.32 13.04 15.72
N HIS A 15 -5.64 12.57 16.92
CA HIS A 15 -5.14 11.27 17.36
C HIS A 15 -5.79 10.04 16.73
N TRP A 16 -6.98 10.20 16.16
CA TRP A 16 -7.86 9.05 15.92
C TRP A 16 -7.28 7.90 15.10
N GLU A 17 -6.88 8.19 13.87
CA GLU A 17 -6.49 7.13 12.96
C GLU A 17 -5.32 6.32 13.53
N ARG A 18 -4.41 7.01 14.18
CA ARG A 18 -3.19 6.39 14.66
C ARG A 18 -3.37 5.67 16.00
N PHE A 19 -4.14 6.26 16.92
CA PHE A 19 -4.24 5.75 18.29
C PHE A 19 -5.62 5.19 18.67
N MET A 20 -6.65 5.63 17.95
CA MET A 20 -8.01 5.10 18.09
C MET A 20 -8.62 5.25 19.49
N CYS A 21 -9.34 4.23 19.94
CA CYS A 21 -9.98 4.26 21.25
C CYS A 21 -9.29 3.32 22.25
N ASN A 22 -7.98 3.50 22.39
CA ASN A 22 -7.16 2.66 23.27
C ASN A 22 -7.26 3.09 24.75
N LEU A 23 -7.94 2.28 25.55
CA LEU A 23 -8.22 2.59 26.94
C LEU A 23 -7.38 1.80 27.93
N ASP A 24 -6.41 1.04 27.41
CA ASP A 24 -5.58 0.19 28.25
C ASP A 24 -4.23 0.86 28.55
N CYS A 25 -4.19 1.72 29.56
CA CYS A 25 -2.95 2.37 29.97
C CYS A 25 -2.08 1.44 30.82
N GLN A 26 -2.71 0.37 31.30
CA GLN A 26 -2.02 -0.63 32.11
C GLN A 26 -1.08 -1.49 31.25
N GLU A 27 -1.60 -2.05 30.16
CA GLU A 27 -0.79 -2.88 29.25
C GLU A 27 -0.07 -2.06 28.18
N GLU A 28 -0.66 -0.94 27.80
CA GLU A 28 -0.12 -0.10 26.72
C GLU A 28 -0.06 1.37 27.14
N PRO A 29 0.84 1.71 28.09
CA PRO A 29 0.89 3.09 28.59
C PRO A 29 1.29 4.13 27.53
N ASP A 30 2.00 3.70 26.49
CA ASP A 30 2.56 4.61 25.49
C ASP A 30 1.62 4.98 24.33
N SER A 31 0.52 4.24 24.19
CA SER A 31 -0.40 4.49 23.10
C SER A 31 -1.89 4.54 23.51
N CYS A 32 -2.15 4.55 24.81
CA CYS A 32 -3.51 4.76 25.30
C CYS A 32 -3.82 6.27 25.28
N ILE A 33 -5.10 6.59 25.16
CA ILE A 33 -5.53 7.97 25.09
C ILE A 33 -5.46 8.63 26.46
N SER A 34 -4.41 9.43 26.67
CA SER A 34 -4.14 10.03 27.97
C SER A 34 -3.58 11.44 27.82
N GLU A 35 -3.66 12.22 28.90
CA GLU A 35 -3.08 13.57 28.93
C GLU A 35 -1.59 13.54 28.60
N LYS A 36 -0.90 12.50 29.05
CA LYS A 36 0.53 12.33 28.79
C LYS A 36 0.81 12.27 27.29
N LEU A 37 -0.01 11.52 26.56
CA LEU A 37 0.14 11.39 25.12
C LEU A 37 0.11 12.75 24.42
N PHE A 38 -0.87 13.57 24.77
CA PHE A 38 -1.07 14.87 24.13
C PHE A 38 0.00 15.88 24.50
N MET A 39 0.53 15.76 25.72
CA MET A 39 1.61 16.62 26.16
C MET A 39 2.89 16.31 25.37
N GLU A 40 3.17 15.03 25.18
CA GLU A 40 4.33 14.62 24.40
C GLU A 40 4.24 15.18 22.98
N MET A 41 3.07 15.04 22.37
CA MET A 41 2.82 15.52 21.02
C MET A 41 3.00 17.03 20.92
N ALA A 42 2.49 17.75 21.92
CA ALA A 42 2.62 19.20 21.99
C ALA A 42 4.09 19.64 22.03
N GLU A 43 4.88 19.03 22.92
CA GLU A 43 6.32 19.26 22.99
C GLU A 43 6.98 19.08 21.64
N LEU A 44 6.67 17.94 20.99
CA LEU A 44 7.26 17.58 19.71
C LEU A 44 6.80 18.45 18.56
N MET A 45 5.54 18.89 18.59
CA MET A 45 5.03 19.78 17.56
C MET A 45 5.88 21.04 17.48
N VAL A 46 6.38 21.50 18.63
CA VAL A 46 7.29 22.63 18.66
C VAL A 46 8.70 22.20 18.24
N SER A 47 9.30 21.28 19.00
CA SER A 47 10.73 20.94 18.87
C SER A 47 11.11 20.31 17.52
N GLU A 48 10.14 19.72 16.84
CA GLU A 48 10.42 19.07 15.55
C GLU A 48 10.01 19.94 14.37
N GLY A 49 9.59 21.16 14.65
CA GLY A 49 9.30 22.15 13.60
C GLY A 49 7.92 22.05 12.98
N TRP A 50 7.03 21.27 13.58
CA TRP A 50 5.67 21.13 13.06
C TRP A 50 4.90 22.44 13.15
N LYS A 51 5.07 23.16 14.26
CA LYS A 51 4.44 24.46 14.44
C LYS A 51 4.92 25.43 13.38
N ASP A 52 6.22 25.42 13.10
CA ASP A 52 6.82 26.36 12.14
C ASP A 52 6.35 26.12 10.72
N ALA A 53 6.16 24.85 10.35
CA ALA A 53 5.60 24.49 9.05
C ALA A 53 4.13 24.90 8.93
N GLY A 54 3.47 25.09 10.08
CA GLY A 54 2.10 25.58 10.11
C GLY A 54 1.11 24.77 10.95
N TYR A 55 1.51 23.58 11.40
CA TYR A 55 0.59 22.72 12.15
C TYR A 55 0.47 23.22 13.58
N GLU A 56 -0.68 23.77 13.95
CA GLU A 56 -0.79 24.35 15.29
C GLU A 56 -1.99 23.90 16.14
N TYR A 57 -2.79 22.97 15.63
CA TYR A 57 -3.92 22.45 16.40
C TYR A 57 -3.65 21.04 16.91
N LEU A 58 -3.50 20.91 18.21
CA LEU A 58 -3.38 19.60 18.83
C LEU A 58 -4.78 19.12 19.22
N CYS A 59 -5.28 18.12 18.51
CA CYS A 59 -6.69 17.74 18.62
C CYS A 59 -6.94 16.37 19.25
N ILE A 60 -7.82 16.38 20.24
CA ILE A 60 -8.31 15.16 20.89
C ILE A 60 -9.54 14.67 20.13
N ASP A 61 -9.51 13.42 19.67
CA ASP A 61 -10.68 12.82 19.05
C ASP A 61 -11.52 12.13 20.12
N ASP A 62 -12.22 11.07 19.74
CA ASP A 62 -13.10 10.33 20.65
C ASP A 62 -12.33 9.65 21.80
N CYS A 63 -13.07 9.28 22.84
CA CYS A 63 -12.59 8.49 23.99
C CYS A 63 -11.71 9.24 25.00
N TRP A 64 -11.92 10.56 25.12
CA TRP A 64 -11.27 11.36 26.14
C TRP A 64 -12.13 11.48 27.39
N MET A 65 -13.44 11.35 27.22
CA MET A 65 -14.37 11.62 28.31
C MET A 65 -14.66 10.41 29.18
N ALA A 66 -15.00 10.67 30.43
CA ALA A 66 -15.47 9.67 31.38
C ALA A 66 -16.84 9.11 30.94
N PRO A 67 -17.25 7.96 31.49
CA PRO A 67 -18.49 7.31 31.02
C PRO A 67 -19.75 8.09 31.34
N GLN A 68 -19.73 8.92 32.38
CA GLN A 68 -20.91 9.71 32.78
C GLN A 68 -20.66 11.21 32.87
N ARG A 69 -21.73 11.98 32.75
CA ARG A 69 -21.70 13.41 33.03
C ARG A 69 -21.70 13.65 34.54
N ASP A 70 -21.11 14.77 34.99
CA ASP A 70 -21.10 15.11 36.41
C ASP A 70 -22.47 15.60 36.90
N SER A 71 -22.58 15.90 38.19
CA SER A 71 -23.87 16.29 38.79
C SER A 71 -24.37 17.68 38.37
N GLU A 72 -23.64 18.35 37.48
CA GLU A 72 -24.06 19.64 36.95
C GLU A 72 -24.31 19.56 35.44
N GLY A 73 -24.40 18.34 34.92
CA GLY A 73 -24.67 18.09 33.51
C GLY A 73 -23.47 18.16 32.58
N ARG A 74 -22.27 18.36 33.13
CA ARG A 74 -21.05 18.53 32.32
C ARG A 74 -20.41 17.21 31.91
N LEU A 75 -19.76 17.20 30.75
CA LEU A 75 -18.88 16.10 30.34
C LEU A 75 -17.64 16.12 31.22
N GLN A 76 -17.14 14.94 31.59
CA GLN A 76 -15.94 14.85 32.44
C GLN A 76 -14.81 14.17 31.69
N ALA A 77 -13.61 14.75 31.77
CA ALA A 77 -12.40 14.10 31.31
C ALA A 77 -12.20 12.87 32.17
N ASP A 78 -11.86 11.74 31.55
CA ASP A 78 -11.69 10.48 32.29
C ASP A 78 -10.72 10.66 33.46
N PRO A 79 -11.11 10.21 34.66
CA PRO A 79 -10.31 10.43 35.87
C PRO A 79 -8.91 9.83 35.84
N GLN A 80 -8.74 8.63 35.28
CA GLN A 80 -7.42 8.00 35.23
C GLN A 80 -6.53 8.51 34.10
N ARG A 81 -7.10 8.66 32.91
CA ARG A 81 -6.34 9.03 31.72
C ARG A 81 -6.11 10.53 31.56
N PHE A 82 -6.98 11.33 32.18
CA PHE A 82 -6.83 12.79 32.23
C PHE A 82 -7.04 13.30 33.67
N PRO A 83 -6.14 12.92 34.59
CA PRO A 83 -6.35 13.33 35.99
C PRO A 83 -6.31 14.84 36.24
N HIS A 84 -5.50 15.56 35.45
CA HIS A 84 -5.36 17.01 35.60
C HIS A 84 -6.40 17.77 34.78
N GLY A 85 -7.24 17.03 34.07
CA GLY A 85 -8.35 17.60 33.32
C GLY A 85 -7.94 18.36 32.07
N ILE A 86 -8.96 18.77 31.31
CA ILE A 86 -8.76 19.42 30.02
C ILE A 86 -8.17 20.82 30.16
N ARG A 87 -8.61 21.54 31.19
CA ARG A 87 -8.19 22.94 31.34
C ARG A 87 -6.68 23.10 31.42
N GLN A 88 -6.05 22.33 32.32
CA GLN A 88 -4.59 22.36 32.46
C GLN A 88 -3.90 21.95 31.17
N LEU A 89 -4.45 20.93 30.52
CA LEU A 89 -3.95 20.47 29.21
C LEU A 89 -3.99 21.59 28.18
N ALA A 90 -5.12 22.31 28.14
CA ALA A 90 -5.28 23.48 27.27
C ALA A 90 -4.23 24.54 27.57
N ASN A 91 -4.04 24.85 28.85
CA ASN A 91 -3.02 25.79 29.30
C ASN A 91 -1.61 25.41 28.83
N TYR A 92 -1.27 24.13 29.01
CA TYR A 92 0.01 23.60 28.57
C TYR A 92 0.22 23.80 27.07
N VAL A 93 -0.81 23.51 26.28
CA VAL A 93 -0.79 23.67 24.84
C VAL A 93 -0.62 25.15 24.44
N HIS A 94 -1.30 26.04 25.15
CA HIS A 94 -1.23 27.48 24.86
C HIS A 94 0.15 28.05 25.15
N SER A 95 0.80 27.53 26.19
CA SER A 95 2.14 27.99 26.58
C SER A 95 3.18 27.61 25.54
N LYS A 96 2.92 26.53 24.79
CA LYS A 96 3.79 26.14 23.69
C LYS A 96 3.43 26.90 22.41
N GLY A 97 2.44 27.79 22.52
CA GLY A 97 2.00 28.62 21.39
C GLY A 97 1.10 27.89 20.42
N LEU A 98 0.56 26.75 20.86
CA LEU A 98 -0.34 25.93 20.04
C LEU A 98 -1.79 26.15 20.44
N LYS A 99 -2.71 25.52 19.71
CA LYS A 99 -4.13 25.56 20.03
C LYS A 99 -4.66 24.15 20.27
N LEU A 100 -5.76 24.04 21.02
CA LEU A 100 -6.28 22.73 21.41
C LEU A 100 -7.66 22.44 20.82
N GLY A 101 -7.79 21.24 20.27
CA GLY A 101 -9.05 20.76 19.71
C GLY A 101 -9.65 19.65 20.53
N ILE A 102 -10.97 19.66 20.65
CA ILE A 102 -11.68 18.58 21.34
C ILE A 102 -12.78 18.00 20.46
N TYR A 103 -13.36 16.89 20.91
CA TYR A 103 -14.32 16.12 20.13
C TYR A 103 -15.60 15.95 20.92
N ALA A 104 -16.74 16.08 20.25
CA ALA A 104 -18.04 15.76 20.82
C ALA A 104 -18.97 15.23 19.73
N ASP A 105 -20.16 14.80 20.10
CA ASP A 105 -21.08 14.21 19.13
C ASP A 105 -22.49 14.80 19.21
N VAL A 106 -23.08 15.02 18.04
CA VAL A 106 -24.39 15.64 17.93
C VAL A 106 -25.54 14.75 18.45
N GLY A 107 -25.30 13.44 18.50
CA GLY A 107 -26.34 12.48 18.91
C GLY A 107 -26.37 12.16 20.40
N ASN A 108 -27.02 11.06 20.74
CA ASN A 108 -27.12 10.61 22.13
C ASN A 108 -25.81 10.05 22.67
N LYS A 109 -24.98 9.54 21.77
CA LYS A 109 -23.68 8.99 22.13
C LYS A 109 -22.62 9.29 21.06
N THR A 110 -21.36 9.31 21.47
CA THR A 110 -20.25 9.38 20.53
C THR A 110 -20.13 8.03 19.81
N CYS A 111 -19.42 8.02 18.68
CA CYS A 111 -19.25 6.81 17.89
C CYS A 111 -18.67 5.66 18.71
N ALA A 112 -17.79 6.00 19.66
CA ALA A 112 -17.22 4.99 20.55
C ALA A 112 -18.12 4.63 21.74
N GLY A 113 -19.27 5.29 21.84
CA GLY A 113 -20.28 4.94 22.84
C GLY A 113 -20.35 5.81 24.09
N PHE A 114 -19.48 6.80 24.17
CA PHE A 114 -19.46 7.74 25.29
C PHE A 114 -20.54 8.82 25.16
N PRO A 115 -20.79 9.61 26.24
CA PRO A 115 -21.89 10.59 26.26
C PRO A 115 -21.96 11.53 25.06
N GLY A 116 -23.12 11.57 24.42
CA GLY A 116 -23.38 12.51 23.33
C GLY A 116 -23.89 13.85 23.83
N SER A 117 -23.90 14.84 22.93
CA SER A 117 -24.25 16.21 23.28
C SER A 117 -25.71 16.59 23.02
N PHE A 118 -26.53 15.63 22.61
CA PHE A 118 -27.93 15.91 22.37
C PHE A 118 -28.60 16.37 23.66
N GLY A 119 -29.29 17.51 23.60
CA GLY A 119 -29.93 18.12 24.76
C GLY A 119 -28.97 18.71 25.78
N TYR A 120 -27.73 18.97 25.35
CA TYR A 120 -26.69 19.55 26.20
C TYR A 120 -25.81 20.53 25.43
N TYR A 121 -26.26 20.89 24.23
CA TYR A 121 -25.44 21.69 23.34
C TYR A 121 -24.96 22.95 24.05
N ASP A 122 -25.89 23.70 24.63
CA ASP A 122 -25.55 24.93 25.36
C ASP A 122 -24.55 24.70 26.50
N ILE A 123 -24.85 23.72 27.34
CA ILE A 123 -23.94 23.37 28.45
C ILE A 123 -22.55 23.02 27.92
N ASP A 124 -22.50 22.12 26.94
CA ASP A 124 -21.25 21.60 26.42
C ASP A 124 -20.43 22.67 25.73
N ALA A 125 -21.11 23.55 24.98
CA ALA A 125 -20.47 24.70 24.36
C ALA A 125 -19.78 25.58 25.39
N GLN A 126 -20.48 25.89 26.49
CA GLN A 126 -19.92 26.78 27.51
C GLN A 126 -18.70 26.14 28.18
N THR A 127 -18.82 24.85 28.47
CA THR A 127 -17.75 24.08 29.08
C THR A 127 -16.47 24.14 28.25
N PHE A 128 -16.60 24.04 26.93
CA PHE A 128 -15.45 24.08 26.04
C PHE A 128 -14.80 25.45 26.01
N ALA A 129 -15.64 26.48 25.88
CA ALA A 129 -15.15 27.88 25.86
C ALA A 129 -14.45 28.26 27.16
N ASP A 130 -14.92 27.70 28.28
CA ASP A 130 -14.34 27.94 29.60
C ASP A 130 -12.94 27.32 29.73
N TRP A 131 -12.80 26.05 29.32
CA TRP A 131 -11.53 25.33 29.33
C TRP A 131 -10.44 26.00 28.49
N GLY A 132 -10.87 26.69 27.43
CA GLY A 132 -9.96 27.33 26.50
C GLY A 132 -9.82 26.56 25.19
N VAL A 133 -10.79 25.70 24.90
CA VAL A 133 -10.82 24.95 23.66
C VAL A 133 -10.85 25.90 22.46
N ASP A 134 -10.15 25.54 21.39
CA ASP A 134 -10.03 26.41 20.23
C ASP A 134 -10.67 25.80 18.99
N LEU A 135 -11.00 24.51 19.06
CA LEU A 135 -11.54 23.79 17.93
C LEU A 135 -12.41 22.64 18.42
N LEU A 136 -13.58 22.49 17.81
CA LEU A 136 -14.45 21.37 18.10
C LEU A 136 -14.76 20.54 16.86
N LYS A 137 -14.47 19.25 16.95
CA LYS A 137 -14.87 18.30 15.94
C LYS A 137 -16.18 17.70 16.43
N PHE A 138 -17.23 17.86 15.62
CA PHE A 138 -18.58 17.47 16.02
C PHE A 138 -19.10 16.35 15.13
N ASP A 139 -19.26 15.16 15.72
CA ASP A 139 -19.51 13.93 14.98
C ASP A 139 -21.01 13.59 14.90
N GLY A 140 -21.40 12.83 13.88
CA GLY A 140 -22.82 12.57 13.60
C GLY A 140 -23.40 11.22 14.00
N CYS A 141 -22.69 10.48 14.87
CA CYS A 141 -23.15 9.16 15.32
C CYS A 141 -24.37 9.21 16.22
N TYR A 142 -25.12 8.11 16.23
CA TYR A 142 -26.31 7.92 17.07
C TYR A 142 -27.31 9.08 17.01
N CYS A 143 -27.64 9.48 15.79
CA CYS A 143 -28.67 10.48 15.53
C CYS A 143 -29.83 9.79 14.80
N ASP A 144 -31.00 9.80 15.42
CA ASP A 144 -32.13 8.98 14.96
C ASP A 144 -32.85 9.47 13.69
N SER A 145 -32.78 10.77 13.43
CA SER A 145 -33.39 11.34 12.22
C SER A 145 -32.54 12.47 11.64
N LEU A 146 -32.77 12.78 10.37
CA LEU A 146 -32.00 13.80 9.65
C LEU A 146 -32.33 15.20 10.13
N GLU A 147 -33.53 15.34 10.66
CA GLU A 147 -34.00 16.59 11.17
C GLU A 147 -33.25 17.02 12.42
N ASN A 148 -33.03 16.07 13.31
CA ASN A 148 -32.29 16.28 14.54
C ASN A 148 -30.83 16.55 14.23
N LEU A 149 -30.30 15.84 13.23
CA LEU A 149 -28.94 16.04 12.74
C LEU A 149 -28.74 17.50 12.36
N ALA A 150 -29.60 18.01 11.49
CA ALA A 150 -29.56 19.40 11.05
C ALA A 150 -29.64 20.38 12.23
N ASP A 151 -30.69 20.26 13.05
CA ASP A 151 -30.91 21.15 14.18
C ASP A 151 -29.74 21.12 15.15
N GLY A 152 -29.25 19.92 15.45
CA GLY A 152 -28.14 19.73 16.36
C GLY A 152 -26.91 20.49 15.90
N TYR A 153 -26.53 20.30 14.64
CA TYR A 153 -25.36 20.95 14.10
C TYR A 153 -25.51 22.47 14.08
N LYS A 154 -26.71 22.93 13.72
CA LYS A 154 -27.05 24.36 13.73
C LYS A 154 -27.02 24.93 15.14
N HIS A 155 -27.53 24.17 16.09
CA HIS A 155 -27.63 24.60 17.49
C HIS A 155 -26.24 24.81 18.08
N MET A 156 -25.37 23.80 17.94
CA MET A 156 -24.01 23.88 18.47
C MET A 156 -23.24 25.05 17.86
N SER A 157 -23.45 25.27 16.56
CA SER A 157 -22.84 26.38 15.87
C SER A 157 -23.12 27.69 16.59
N LEU A 158 -24.40 27.95 16.87
CA LEU A 158 -24.81 29.18 17.54
C LEU A 158 -24.48 29.17 19.02
N ALA A 159 -24.53 27.99 19.63
CA ALA A 159 -24.18 27.82 21.03
C ALA A 159 -22.73 28.20 21.27
N LEU A 160 -21.86 27.78 20.36
CA LEU A 160 -20.44 28.15 20.40
C LEU A 160 -20.28 29.65 20.21
N ASN A 161 -20.98 30.19 19.21
CA ASN A 161 -20.93 31.63 18.89
C ASN A 161 -21.27 32.50 20.11
N ARG A 162 -22.30 32.10 20.86
CA ARG A 162 -22.75 32.83 22.04
C ARG A 162 -21.69 32.91 23.15
N THR A 163 -20.78 31.94 23.21
CA THR A 163 -19.74 31.92 24.26
C THR A 163 -18.73 33.04 24.08
N GLY A 164 -18.67 33.61 22.88
CA GLY A 164 -17.78 34.72 22.58
C GLY A 164 -16.34 34.35 22.32
N ARG A 165 -16.00 33.07 22.45
CA ARG A 165 -14.65 32.60 22.14
C ARG A 165 -14.55 32.10 20.70
N SER A 166 -13.43 32.43 20.05
CA SER A 166 -13.13 31.90 18.72
C SER A 166 -12.88 30.38 18.77
N ILE A 167 -13.79 29.63 18.15
CA ILE A 167 -13.65 28.17 18.05
C ILE A 167 -13.86 27.70 16.61
N VAL A 168 -12.85 27.01 16.07
CA VAL A 168 -12.95 26.38 14.76
C VAL A 168 -13.94 25.23 14.89
N TYR A 169 -15.01 25.28 14.10
CA TYR A 169 -16.12 24.32 14.18
C TYR A 169 -16.13 23.35 12.98
N SER A 170 -15.93 22.06 13.29
CA SER A 170 -15.76 21.02 12.28
C SER A 170 -16.93 20.04 12.31
N CYS A 171 -17.64 19.92 11.21
CA CYS A 171 -18.90 19.18 11.17
C CYS A 171 -18.86 17.92 10.31
N SER A 172 -19.23 16.78 10.89
CA SER A 172 -19.37 15.56 10.12
C SER A 172 -20.73 15.55 9.39
N TRP A 173 -21.51 16.60 9.61
CA TRP A 173 -22.85 16.80 9.01
C TRP A 173 -23.10 16.09 7.67
N PRO A 174 -22.48 16.56 6.56
CA PRO A 174 -22.85 16.03 5.25
C PRO A 174 -22.52 14.54 5.05
N ALA A 175 -21.47 14.06 5.71
CA ALA A 175 -21.10 12.64 5.63
C ALA A 175 -22.26 11.74 6.05
N TYR A 176 -23.02 12.15 7.05
CA TYR A 176 -24.11 11.32 7.56
C TYR A 176 -25.41 11.43 6.76
N MET A 177 -25.35 12.06 5.58
CA MET A 177 -26.51 12.16 4.67
C MET A 177 -26.22 11.46 3.33
N TRP A 178 -25.56 10.29 3.32
CA TRP A 178 -25.15 9.70 2.02
C TRP A 178 -25.69 8.26 1.82
N PRO A 179 -26.13 7.88 0.58
CA PRO A 179 -26.16 8.69 -0.64
C PRO A 179 -27.56 9.22 -1.02
N PHE A 180 -28.58 8.96 -0.23
CA PHE A 180 -29.92 9.26 -0.70
C PHE A 180 -30.48 10.63 -0.28
N GLN A 181 -29.69 11.43 0.45
CA GLN A 181 -30.10 12.80 0.81
C GLN A 181 -29.05 13.81 0.41
N LYS A 182 -29.37 14.64 -0.58
CA LYS A 182 -28.45 15.66 -1.06
C LYS A 182 -28.28 16.70 0.03
N PRO A 183 -27.04 16.88 0.53
CA PRO A 183 -26.83 17.92 1.53
C PRO A 183 -26.92 19.30 0.89
N ASN A 184 -27.40 20.28 1.65
CA ASN A 184 -27.39 21.66 1.19
C ASN A 184 -26.09 22.31 1.65
N TYR A 185 -25.17 22.51 0.71
CA TYR A 185 -23.83 23.01 1.06
C TYR A 185 -23.77 24.51 1.34
N THR A 186 -24.69 25.27 0.73
CA THR A 186 -24.91 26.67 1.10
C THR A 186 -25.23 26.75 2.59
N GLU A 187 -26.14 25.89 3.04
CA GLU A 187 -26.56 25.83 4.43
C GLU A 187 -25.42 25.39 5.34
N ILE A 188 -24.72 24.34 4.96
CA ILE A 188 -23.64 23.79 5.77
C ILE A 188 -22.50 24.81 5.98
N ARG A 189 -22.19 25.54 4.91
CA ARG A 189 -21.16 26.56 4.91
C ARG A 189 -21.47 27.71 5.89
N GLN A 190 -22.75 28.02 6.04
CA GLN A 190 -23.21 29.05 6.96
C GLN A 190 -22.87 28.74 8.40
N TYR A 191 -22.79 27.46 8.74
CA TYR A 191 -22.67 27.05 10.14
C TYR A 191 -21.36 26.36 10.48
N CYS A 192 -20.54 26.02 9.48
CA CYS A 192 -19.33 25.21 9.72
C CYS A 192 -18.07 25.79 9.07
N ASN A 193 -16.94 25.65 9.77
CA ASN A 193 -15.63 26.04 9.23
C ASN A 193 -15.09 25.02 8.23
N HIS A 194 -15.26 23.74 8.54
CA HIS A 194 -15.09 22.66 7.57
C HIS A 194 -16.04 21.49 7.85
N TRP A 195 -16.19 20.62 6.85
CA TRP A 195 -17.17 19.53 6.90
C TRP A 195 -16.67 18.25 6.26
N ARG A 196 -16.91 17.14 6.93
CA ARG A 196 -16.50 15.82 6.45
C ARG A 196 -17.49 15.29 5.43
N ASN A 197 -16.98 14.96 4.25
CA ASN A 197 -17.83 14.60 3.12
C ASN A 197 -18.06 13.12 2.96
N PHE A 198 -17.13 12.30 3.43
CA PHE A 198 -17.16 10.88 3.12
C PHE A 198 -16.73 9.97 4.27
N ALA A 199 -16.68 8.68 3.99
CA ALA A 199 -16.36 7.62 4.95
C ALA A 199 -15.02 7.84 5.65
N ASP A 200 -14.88 7.25 6.83
CA ASP A 200 -13.67 7.38 7.62
C ASP A 200 -12.47 6.85 6.86
N ILE A 201 -11.40 7.64 6.84
CA ILE A 201 -10.13 7.23 6.23
C ILE A 201 -9.50 6.13 7.10
N ASP A 202 -8.68 5.27 6.50
CA ASP A 202 -7.77 4.43 7.27
C ASP A 202 -6.38 4.37 6.62
N ASP A 203 -5.48 3.60 7.23
CA ASP A 203 -4.12 3.47 6.74
C ASP A 203 -4.04 2.54 5.52
N SER A 204 -4.60 2.98 4.39
CA SER A 204 -4.59 2.16 3.17
C SER A 204 -4.71 3.01 1.91
N TRP A 205 -4.16 2.48 0.82
CA TRP A 205 -4.30 3.06 -0.51
C TRP A 205 -5.74 2.96 -1.01
N LYS A 206 -6.40 1.85 -0.68
CA LYS A 206 -7.80 1.64 -1.00
C LYS A 206 -8.67 2.81 -0.53
N SER A 207 -8.41 3.27 0.69
CA SER A 207 -9.13 4.38 1.30
C SER A 207 -8.89 5.72 0.57
N ILE A 208 -7.62 5.99 0.23
CA ILE A 208 -7.24 7.22 -0.48
C ILE A 208 -7.93 7.28 -1.84
N LYS A 209 -7.86 6.19 -2.60
CA LYS A 209 -8.48 6.11 -3.92
C LYS A 209 -9.99 6.31 -3.81
N SER A 210 -10.58 5.64 -2.82
CA SER A 210 -11.99 5.75 -2.55
C SER A 210 -12.40 7.21 -2.32
N ILE A 211 -11.62 7.92 -1.49
CA ILE A 211 -11.83 9.35 -1.22
C ILE A 211 -11.65 10.23 -2.48
N LEU A 212 -10.55 10.02 -3.19
CA LEU A 212 -10.27 10.80 -4.40
C LEU A 212 -11.36 10.65 -5.45
N ASP A 213 -11.78 9.41 -5.69
CA ASP A 213 -12.80 9.13 -6.71
C ASP A 213 -14.17 9.65 -6.34
N TRP A 214 -14.46 9.64 -5.04
CA TRP A 214 -15.71 10.22 -4.58
C TRP A 214 -15.69 11.72 -4.81
N THR A 215 -14.58 12.36 -4.43
CA THR A 215 -14.41 13.78 -4.65
C THR A 215 -14.58 14.08 -6.13
N SER A 216 -13.71 13.52 -6.97
CA SER A 216 -13.75 13.81 -8.40
C SER A 216 -15.15 13.55 -8.99
N PHE A 217 -15.76 12.41 -8.66
CA PHE A 217 -17.08 12.08 -9.18
C PHE A 217 -18.15 13.11 -8.83
N ASN A 218 -18.13 13.60 -7.59
CA ASN A 218 -19.11 14.56 -7.09
C ASN A 218 -18.60 15.98 -7.13
N GLN A 219 -17.56 16.24 -7.93
CA GLN A 219 -16.89 17.54 -7.87
C GLN A 219 -17.77 18.74 -8.21
N GLU A 220 -18.67 18.60 -9.18
CA GLU A 220 -19.55 19.70 -9.58
C GLU A 220 -20.35 20.25 -8.41
N ARG A 221 -20.63 19.40 -7.43
CA ARG A 221 -21.53 19.75 -6.34
C ARG A 221 -20.79 20.46 -5.19
N ILE A 222 -19.53 20.10 -4.97
CA ILE A 222 -18.82 20.50 -3.75
C ILE A 222 -17.65 21.48 -3.93
N VAL A 223 -17.04 21.50 -5.09
CA VAL A 223 -15.83 22.30 -5.29
C VAL A 223 -16.04 23.80 -5.03
N ASP A 224 -16.98 24.41 -5.74
CA ASP A 224 -17.19 25.87 -5.70
C ASP A 224 -17.70 26.42 -4.38
N VAL A 225 -18.31 25.57 -3.55
CA VAL A 225 -18.83 26.01 -2.26
C VAL A 225 -17.71 26.22 -1.21
N ALA A 226 -16.54 25.65 -1.50
CA ALA A 226 -15.36 25.82 -0.66
C ALA A 226 -14.67 27.17 -0.89
N GLY A 227 -14.09 27.72 0.18
CA GLY A 227 -13.42 29.01 0.13
C GLY A 227 -13.02 29.45 1.52
N PRO A 228 -12.28 30.57 1.65
CA PRO A 228 -11.87 31.05 2.97
C PRO A 228 -13.02 31.01 3.96
N GLY A 229 -12.81 30.39 5.12
CA GLY A 229 -13.84 30.26 6.14
C GLY A 229 -14.70 29.01 6.07
N GLY A 230 -14.64 28.30 4.95
CA GLY A 230 -15.42 27.07 4.77
C GLY A 230 -14.77 26.08 3.81
N TRP A 231 -14.37 24.92 4.32
CA TRP A 231 -13.63 23.92 3.52
C TRP A 231 -14.26 22.53 3.49
N ASN A 232 -14.04 21.82 2.37
CA ASN A 232 -14.30 20.38 2.28
C ASN A 232 -13.21 19.60 3.03
N ASP A 233 -13.63 18.61 3.81
CA ASP A 233 -12.72 17.83 4.65
C ASP A 233 -12.66 16.34 4.24
N PRO A 234 -11.63 15.96 3.45
CA PRO A 234 -11.45 14.57 3.03
C PRO A 234 -10.76 13.71 4.10
N ASP A 235 -10.64 14.24 5.31
CA ASP A 235 -10.14 13.52 6.50
C ASP A 235 -8.60 13.53 6.64
N MET A 236 -8.13 12.88 7.70
CA MET A 236 -6.72 12.92 8.15
C MET A 236 -5.67 12.45 7.16
N LEU A 237 -4.50 13.08 7.23
CA LEU A 237 -3.31 12.60 6.55
C LEU A 237 -2.77 11.38 7.30
N VAL A 238 -2.55 10.29 6.59
CA VAL A 238 -2.04 9.06 7.21
C VAL A 238 -0.57 8.79 6.87
N ILE A 239 0.08 9.79 6.28
CA ILE A 239 1.51 9.71 5.93
C ILE A 239 2.36 9.43 7.17
N GLY A 240 3.33 8.54 7.02
CA GLY A 240 4.25 8.22 8.11
C GLY A 240 3.79 7.08 9.00
N ASN A 241 2.73 6.39 8.62
CA ASN A 241 2.23 5.25 9.38
C ASN A 241 2.64 3.91 8.77
N PHE A 242 1.68 3.05 8.45
CA PHE A 242 2.00 1.64 8.13
C PHE A 242 1.50 1.11 6.78
N GLY A 243 0.36 1.62 6.31
CA GLY A 243 -0.35 1.04 5.18
C GLY A 243 -0.06 1.57 3.79
N LEU A 244 0.63 2.71 3.71
CA LEU A 244 0.92 3.34 2.43
C LEU A 244 2.38 3.19 2.00
N SER A 245 2.57 2.89 0.72
CA SER A 245 3.90 2.93 0.10
C SER A 245 4.34 4.39 -0.01
N TRP A 246 5.63 4.62 -0.26
CA TRP A 246 6.13 5.98 -0.36
C TRP A 246 5.41 6.80 -1.43
N ASN A 247 5.17 6.17 -2.58
CA ASN A 247 4.46 6.81 -3.68
C ASN A 247 3.02 7.21 -3.34
N GLN A 248 2.34 6.37 -2.56
CA GLN A 248 0.98 6.63 -2.13
C GLN A 248 0.93 7.77 -1.12
N GLN A 249 1.94 7.82 -0.26
CA GLN A 249 2.08 8.94 0.67
C GLN A 249 2.20 10.27 -0.07
N VAL A 250 3.06 10.30 -1.08
CA VAL A 250 3.24 11.47 -1.93
C VAL A 250 1.92 11.89 -2.58
N THR A 251 1.19 10.91 -3.11
CA THR A 251 -0.11 11.15 -3.73
C THR A 251 -1.06 11.84 -2.75
N GLN A 252 -1.11 11.38 -1.51
CA GLN A 252 -1.99 12.02 -0.54
C GLN A 252 -1.59 13.49 -0.32
N MET A 253 -0.33 13.72 0.04
CA MET A 253 0.14 15.10 0.29
C MET A 253 -0.17 16.04 -0.88
N ALA A 254 0.20 15.64 -2.10
CA ALA A 254 -0.09 16.41 -3.30
C ALA A 254 -1.56 16.75 -3.48
N LEU A 255 -2.43 15.72 -3.45
CA LEU A 255 -3.84 15.89 -3.73
C LEU A 255 -4.58 16.66 -2.65
N TRP A 256 -4.16 16.49 -1.40
CA TRP A 256 -4.75 17.27 -0.30
C TRP A 256 -4.44 18.76 -0.45
N ALA A 257 -3.31 19.10 -1.06
CA ALA A 257 -2.99 20.48 -1.39
C ALA A 257 -3.90 20.97 -2.51
N ILE A 258 -4.09 20.13 -3.53
CA ILE A 258 -5.00 20.44 -4.65
C ILE A 258 -6.44 20.69 -4.18
N MET A 259 -6.92 19.84 -3.28
CA MET A 259 -8.31 19.90 -2.81
C MET A 259 -8.56 20.99 -1.75
N ALA A 260 -7.53 21.78 -1.44
CA ALA A 260 -7.61 22.81 -0.41
C ALA A 260 -8.16 22.22 0.88
N ALA A 261 -7.64 21.05 1.22
CA ALA A 261 -8.09 20.26 2.37
C ALA A 261 -7.46 20.74 3.66
N PRO A 262 -8.20 20.62 4.78
CA PRO A 262 -7.50 20.79 6.05
C PRO A 262 -6.37 19.79 6.12
N LEU A 263 -5.33 20.11 6.88
CA LEU A 263 -4.20 19.20 7.00
C LEU A 263 -4.05 18.74 8.45
N PHE A 264 -4.77 17.67 8.79
CA PHE A 264 -4.67 17.05 10.10
C PHE A 264 -3.90 15.75 10.01
N MET A 265 -2.67 15.76 10.50
CA MET A 265 -1.88 14.54 10.57
C MET A 265 -2.48 13.64 11.63
N SER A 266 -2.44 12.34 11.39
CA SER A 266 -2.73 11.36 12.42
C SER A 266 -1.62 10.34 12.36
N ASN A 267 -0.62 10.54 13.21
CA ASN A 267 0.59 9.70 13.23
C ASN A 267 1.22 9.77 14.61
N ASP A 268 2.29 9.00 14.83
CA ASP A 268 3.04 9.09 16.07
C ASP A 268 4.26 9.97 15.84
N LEU A 269 4.17 11.22 16.28
CA LEU A 269 5.26 12.19 16.11
C LEU A 269 6.54 11.84 16.88
N ARG A 270 6.48 10.84 17.76
CA ARG A 270 7.66 10.34 18.47
C ARG A 270 8.46 9.39 17.56
N HIS A 271 7.75 8.68 16.70
CA HIS A 271 8.36 7.68 15.82
C HIS A 271 7.93 7.90 14.39
N ILE A 272 8.57 8.87 13.74
CA ILE A 272 8.25 9.19 12.36
C ILE A 272 9.54 9.35 11.55
N SER A 273 9.58 8.68 10.40
CA SER A 273 10.77 8.67 9.55
C SER A 273 11.10 10.06 9.01
N PRO A 274 12.40 10.35 8.84
CA PRO A 274 12.85 11.61 8.26
C PRO A 274 12.18 11.97 6.92
N GLN A 275 11.93 10.99 6.05
CA GLN A 275 11.26 11.24 4.76
C GLN A 275 9.90 11.80 4.95
N ALA A 276 9.15 11.13 5.83
CA ALA A 276 7.77 11.48 6.10
C ALA A 276 7.71 12.89 6.68
N LYS A 277 8.58 13.15 7.65
CA LYS A 277 8.70 14.47 8.25
C LYS A 277 8.89 15.52 7.17
N ALA A 278 9.82 15.25 6.25
CA ALA A 278 10.15 16.17 5.16
C ALA A 278 8.96 16.45 4.24
N LEU A 279 8.28 15.40 3.81
CA LEU A 279 7.09 15.50 2.97
C LEU A 279 5.95 16.26 3.66
N LEU A 280 5.69 15.93 4.92
CA LEU A 280 4.63 16.59 5.68
C LEU A 280 4.96 18.04 6.02
N GLN A 281 6.25 18.38 6.01
CA GLN A 281 6.70 19.74 6.31
C GLN A 281 7.13 20.52 5.07
N ASP A 282 6.98 19.92 3.89
CA ASP A 282 7.37 20.57 2.64
C ASP A 282 6.79 21.98 2.50
N LYS A 283 7.68 22.96 2.45
CA LYS A 283 7.31 24.36 2.43
C LYS A 283 6.43 24.71 1.23
N ASP A 284 6.91 24.35 0.04
CA ASP A 284 6.24 24.73 -1.20
C ASP A 284 4.86 24.13 -1.36
N VAL A 285 4.70 22.88 -0.93
CA VAL A 285 3.43 22.17 -1.05
C VAL A 285 2.42 22.74 -0.07
N ILE A 286 2.84 22.90 1.18
CA ILE A 286 2.02 23.53 2.22
C ILE A 286 1.53 24.90 1.72
N ALA A 287 2.43 25.65 1.07
CA ALA A 287 2.10 26.94 0.49
C ALA A 287 0.96 26.84 -0.52
N ILE A 288 0.98 25.80 -1.35
CA ILE A 288 -0.11 25.53 -2.29
C ILE A 288 -1.41 25.27 -1.54
N ASN A 289 -1.37 24.35 -0.58
CA ASN A 289 -2.54 24.10 0.25
C ASN A 289 -3.07 25.38 0.90
N GLN A 290 -2.16 26.18 1.44
CA GLN A 290 -2.51 27.40 2.16
C GLN A 290 -2.67 28.65 1.26
N ASP A 291 -2.75 28.46 -0.05
CA ASP A 291 -2.85 29.59 -0.97
C ASP A 291 -3.97 30.54 -0.56
N PRO A 292 -3.65 31.84 -0.41
CA PRO A 292 -4.61 32.84 0.12
C PRO A 292 -5.86 33.01 -0.73
N LEU A 293 -5.78 32.76 -2.04
CA LEU A 293 -6.97 32.84 -2.89
C LEU A 293 -8.07 31.89 -2.40
N GLY A 294 -7.66 30.72 -1.91
CA GLY A 294 -8.56 29.76 -1.27
C GLY A 294 -9.59 29.13 -2.18
N LYS A 295 -9.19 28.78 -3.38
CA LYS A 295 -10.06 28.17 -4.37
C LYS A 295 -9.68 26.71 -4.51
N GLN A 296 -10.64 25.82 -4.27
CA GLN A 296 -10.39 24.38 -4.36
C GLN A 296 -10.19 23.93 -5.81
N GLY A 297 -9.22 23.04 -6.02
CA GLY A 297 -8.97 22.47 -7.34
C GLY A 297 -9.95 21.36 -7.70
N TYR A 298 -9.65 20.65 -8.79
CA TYR A 298 -10.58 19.68 -9.39
C TYR A 298 -9.85 18.76 -10.35
N GLN A 299 -10.47 17.62 -10.68
CA GLN A 299 -9.97 16.71 -11.69
C GLN A 299 -10.27 17.29 -13.07
N LEU A 300 -9.22 17.56 -13.84
CA LEU A 300 -9.35 18.12 -15.18
C LEU A 300 -9.71 17.05 -16.21
N ARG A 301 -8.98 15.93 -16.18
CA ARG A 301 -9.37 14.75 -16.97
C ARG A 301 -8.77 13.45 -16.45
N GLN A 302 -9.33 12.33 -16.89
CA GLN A 302 -8.87 11.00 -16.56
C GLN A 302 -8.94 10.12 -17.80
N GLY A 303 -8.23 8.99 -17.78
CA GLY A 303 -8.22 8.06 -18.89
C GLY A 303 -6.87 7.37 -19.03
N ASP A 304 -6.90 6.10 -19.43
CA ASP A 304 -5.70 5.28 -19.58
C ASP A 304 -4.95 5.20 -18.25
N ASN A 305 -5.73 5.12 -17.17
CA ASN A 305 -5.20 5.09 -15.80
C ASN A 305 -4.28 6.26 -15.45
N PHE A 306 -4.49 7.39 -16.11
CA PHE A 306 -3.87 8.64 -15.70
C PHE A 306 -4.95 9.61 -15.25
N GLU A 307 -4.59 10.51 -14.34
CA GLU A 307 -5.49 11.55 -13.86
C GLU A 307 -4.76 12.87 -13.83
N VAL A 308 -5.42 13.94 -14.28
CA VAL A 308 -4.83 15.26 -14.16
C VAL A 308 -5.75 16.14 -13.33
N TRP A 309 -5.21 16.67 -12.23
CA TRP A 309 -5.94 17.56 -11.36
C TRP A 309 -5.21 18.90 -11.41
N GLU A 310 -5.96 19.99 -11.28
CA GLU A 310 -5.36 21.33 -11.23
C GLU A 310 -6.07 22.23 -10.22
N ARG A 311 -5.36 23.25 -9.77
CA ARG A 311 -5.91 24.21 -8.81
C ARG A 311 -5.43 25.64 -9.09
N PRO A 312 -6.38 26.59 -9.23
CA PRO A 312 -5.99 27.99 -9.45
C PRO A 312 -5.43 28.62 -8.17
N LEU A 313 -4.32 29.35 -8.34
CA LEU A 313 -3.64 29.98 -7.21
C LEU A 313 -3.60 31.49 -7.37
N SER A 314 -3.42 32.19 -6.26
CA SER A 314 -3.26 33.63 -6.25
C SER A 314 -2.01 34.03 -7.05
N GLY A 315 -2.06 35.20 -7.66
CA GLY A 315 -1.00 35.64 -8.55
C GLY A 315 -1.07 34.90 -9.87
N LEU A 316 -2.28 34.50 -10.24
CA LEU A 316 -2.56 33.86 -11.54
C LEU A 316 -1.70 32.62 -11.81
N ALA A 317 -1.28 31.96 -10.72
CA ALA A 317 -0.46 30.76 -10.79
C ALA A 317 -1.37 29.55 -10.76
N TRP A 318 -0.80 28.36 -10.98
CA TRP A 318 -1.56 27.13 -11.02
C TRP A 318 -0.77 25.94 -10.47
N ALA A 319 -1.43 25.13 -9.64
CA ALA A 319 -0.86 23.84 -9.26
C ALA A 319 -1.48 22.75 -10.13
N VAL A 320 -0.66 21.80 -10.56
CA VAL A 320 -1.10 20.71 -11.42
C VAL A 320 -0.54 19.39 -10.90
N ALA A 321 -1.44 18.42 -10.67
CA ALA A 321 -1.07 17.10 -10.19
C ALA A 321 -1.43 16.03 -11.20
N MET A 322 -0.49 15.11 -11.44
CA MET A 322 -0.69 14.02 -12.40
C MET A 322 -0.48 12.69 -11.73
N ILE A 323 -1.53 11.89 -11.67
CA ILE A 323 -1.52 10.64 -10.93
C ILE A 323 -1.46 9.44 -11.86
N ASN A 324 -0.47 8.57 -11.63
CA ASN A 324 -0.43 7.28 -12.31
C ASN A 324 -1.24 6.23 -11.54
N ARG A 325 -2.40 5.87 -12.07
CA ARG A 325 -3.30 4.94 -11.36
C ARG A 325 -3.03 3.46 -11.68
N GLN A 326 -2.21 3.21 -12.69
CA GLN A 326 -1.81 1.84 -13.04
C GLN A 326 -0.97 1.23 -11.92
N GLU A 327 -1.44 0.12 -11.35
CA GLU A 327 -0.77 -0.53 -10.22
C GLU A 327 0.07 -1.74 -10.63
N ILE A 328 0.66 -1.65 -11.82
CA ILE A 328 1.55 -2.69 -12.35
C ILE A 328 2.60 -2.05 -13.26
N GLY A 329 3.81 -2.59 -13.25
CA GLY A 329 4.88 -2.08 -14.10
C GLY A 329 5.80 -1.10 -13.39
N GLY A 330 6.30 -0.11 -14.14
CA GLY A 330 7.22 0.89 -13.61
C GLY A 330 6.82 2.32 -13.94
N PRO A 331 7.76 3.27 -13.79
CA PRO A 331 7.47 4.67 -14.10
C PRO A 331 6.98 4.81 -15.53
N ARG A 332 5.75 5.30 -15.67
CA ARG A 332 5.05 5.34 -16.94
C ARG A 332 5.09 6.76 -17.49
N SER A 333 5.50 6.90 -18.75
CA SER A 333 5.61 8.22 -19.37
C SER A 333 4.23 8.82 -19.63
N TYR A 334 4.09 10.12 -19.38
CA TYR A 334 2.83 10.81 -19.65
C TYR A 334 3.10 12.19 -20.23
N THR A 335 2.34 12.55 -21.28
CA THR A 335 2.57 13.78 -22.02
C THR A 335 1.28 14.59 -22.21
N ILE A 336 1.33 15.84 -21.77
CA ILE A 336 0.18 16.74 -21.92
C ILE A 336 0.57 18.07 -22.60
N ALA A 337 -0.38 18.64 -23.34
CA ALA A 337 -0.22 19.96 -23.91
C ALA A 337 -0.48 21.03 -22.84
N VAL A 338 0.50 21.90 -22.63
CA VAL A 338 0.38 22.96 -21.62
C VAL A 338 -0.77 23.93 -21.89
N ALA A 339 -1.27 23.93 -23.13
CA ALA A 339 -2.44 24.71 -23.52
C ALA A 339 -3.74 24.23 -22.86
N SER A 340 -3.77 22.95 -22.47
CA SER A 340 -4.94 22.38 -21.78
C SER A 340 -5.03 22.81 -20.32
N LEU A 341 -3.93 23.31 -19.77
CA LEU A 341 -3.85 23.61 -18.34
C LEU A 341 -4.38 24.99 -17.99
N GLY A 342 -5.12 25.07 -16.88
CA GLY A 342 -5.64 26.33 -16.37
C GLY A 342 -6.55 27.04 -17.34
N LYS A 343 -7.54 26.31 -17.86
CA LYS A 343 -8.50 26.82 -18.86
C LYS A 343 -7.83 27.51 -20.06
N GLY A 344 -6.60 27.11 -20.35
CA GLY A 344 -5.82 27.69 -21.44
C GLY A 344 -5.30 29.10 -21.18
N VAL A 345 -5.30 29.54 -19.93
CA VAL A 345 -4.67 30.83 -19.61
C VAL A 345 -3.31 30.68 -18.94
N ALA A 346 -3.12 29.55 -18.27
CA ALA A 346 -1.91 29.32 -17.47
C ALA A 346 -0.62 29.58 -18.23
N CYS A 347 -0.49 29.03 -19.43
CA CYS A 347 0.74 29.15 -20.20
C CYS A 347 0.57 29.92 -21.51
N ASN A 348 -0.17 31.01 -21.44
CA ASN A 348 -0.38 31.92 -22.56
C ASN A 348 0.14 33.30 -22.17
N PRO A 349 1.18 33.81 -22.87
CA PRO A 349 1.90 33.22 -24.01
C PRO A 349 2.83 32.06 -23.63
N ALA A 350 3.12 31.91 -22.33
CA ALA A 350 4.02 30.89 -21.83
C ALA A 350 3.88 30.77 -20.31
N CYS A 351 4.55 29.78 -19.74
CA CYS A 351 4.62 29.62 -18.28
C CYS A 351 5.95 28.97 -17.87
N PHE A 352 6.43 29.33 -16.69
CA PHE A 352 7.57 28.64 -16.08
C PHE A 352 7.04 27.53 -15.18
N ILE A 353 7.64 26.34 -15.28
CA ILE A 353 7.14 25.17 -14.56
C ILE A 353 8.16 24.63 -13.56
N THR A 354 7.76 24.57 -12.30
CA THR A 354 8.57 23.97 -11.26
C THR A 354 7.90 22.68 -10.75
N GLN A 355 8.65 21.58 -10.70
CA GLN A 355 8.15 20.36 -10.08
C GLN A 355 8.38 20.45 -8.57
N LEU A 356 7.36 20.11 -7.80
CA LEU A 356 7.47 20.12 -6.34
C LEU A 356 7.55 18.72 -5.75
N LEU A 357 6.87 17.77 -6.39
CA LEU A 357 6.90 16.37 -5.97
C LEU A 357 7.02 15.44 -7.19
N PRO A 358 7.66 14.28 -7.03
CA PRO A 358 8.24 13.71 -5.81
C PRO A 358 9.50 14.40 -5.31
N VAL A 359 10.15 15.19 -6.16
CA VAL A 359 11.29 16.02 -5.74
C VAL A 359 11.16 17.40 -6.35
N LYS A 360 11.82 18.39 -5.75
CA LYS A 360 11.80 19.74 -6.27
C LYS A 360 12.78 19.83 -7.43
N ARG A 361 12.37 20.47 -8.53
CA ARG A 361 13.17 20.62 -9.74
C ARG A 361 12.56 21.68 -10.65
N LYS A 362 13.37 22.64 -11.05
CA LYS A 362 12.90 23.68 -11.97
C LYS A 362 12.97 23.16 -13.39
N LEU A 363 11.83 23.11 -14.07
CA LEU A 363 11.76 22.51 -15.41
C LEU A 363 11.84 23.51 -16.56
N GLY A 364 11.70 24.80 -16.25
CA GLY A 364 11.92 25.88 -17.23
C GLY A 364 10.69 26.43 -17.92
N PHE A 365 10.91 27.18 -18.99
CA PHE A 365 9.83 27.83 -19.74
C PHE A 365 9.19 26.91 -20.78
N TYR A 366 7.85 26.93 -20.83
CA TYR A 366 7.07 26.15 -21.80
C TYR A 366 6.08 27.10 -22.47
N GLU A 367 6.21 27.29 -23.78
CA GLU A 367 5.35 28.25 -24.45
C GLU A 367 3.95 27.68 -24.73
N TRP A 368 3.07 28.55 -25.20
CA TRP A 368 1.63 28.26 -25.35
C TRP A 368 1.28 26.98 -26.10
N THR A 369 2.10 26.61 -27.08
CA THR A 369 1.83 25.43 -27.93
C THR A 369 2.78 24.26 -27.72
N SER A 370 3.50 24.24 -26.61
CA SER A 370 4.46 23.17 -26.32
C SER A 370 3.86 22.04 -25.49
N ARG A 371 4.56 20.89 -25.48
CA ARG A 371 4.11 19.72 -24.75
C ARG A 371 5.04 19.43 -23.58
N LEU A 372 4.50 18.91 -22.48
CA LEU A 372 5.29 18.53 -21.31
C LEU A 372 5.29 17.01 -21.09
N ARG A 373 6.48 16.45 -20.95
CA ARG A 373 6.63 15.02 -20.69
C ARG A 373 7.08 14.78 -19.25
N SER A 374 6.48 13.77 -18.60
CA SER A 374 6.91 13.35 -17.27
C SER A 374 6.87 11.84 -17.20
N HIS A 375 7.52 11.31 -16.17
CA HIS A 375 7.47 9.89 -15.83
C HIS A 375 6.93 9.76 -14.41
N ILE A 376 5.79 9.12 -14.26
CA ILE A 376 5.13 9.01 -12.97
C ILE A 376 5.11 7.56 -12.47
N ASN A 377 5.48 7.36 -11.21
CA ASN A 377 5.48 6.04 -10.60
C ASN A 377 4.08 5.47 -10.40
N PRO A 378 3.94 4.13 -10.48
CA PRO A 378 2.68 3.48 -10.12
C PRO A 378 2.23 3.91 -8.73
N THR A 379 1.04 4.51 -8.68
CA THR A 379 0.41 5.04 -7.45
C THR A 379 1.04 6.34 -6.95
N GLY A 380 2.00 6.85 -7.72
CA GLY A 380 2.64 8.11 -7.39
C GLY A 380 1.93 9.30 -8.02
N THR A 381 2.44 10.49 -7.70
CA THR A 381 1.95 11.73 -8.27
C THR A 381 3.11 12.68 -8.56
N VAL A 382 2.98 13.40 -9.66
CA VAL A 382 3.87 14.51 -9.94
C VAL A 382 3.09 15.79 -9.68
N LEU A 383 3.63 16.65 -8.81
CA LEU A 383 2.99 17.94 -8.53
C LEU A 383 3.83 19.09 -9.11
N LEU A 384 3.17 19.95 -9.87
CA LEU A 384 3.84 21.07 -10.52
C LEU A 384 3.24 22.42 -10.12
N GLN A 385 4.04 23.47 -10.25
CA GLN A 385 3.55 24.84 -10.11
C GLN A 385 3.87 25.66 -11.36
N LEU A 386 2.86 26.39 -11.85
CA LEU A 386 2.96 27.13 -13.09
C LEU A 386 2.80 28.61 -12.83
N GLU A 387 3.85 29.37 -13.12
CA GLU A 387 3.83 30.84 -13.13
C GLU A 387 3.65 31.30 -14.56
N ASN A 388 2.71 32.21 -14.82
CA ASN A 388 2.56 32.80 -16.15
C ASN A 388 3.63 33.87 -16.40
N THR A 389 4.22 33.87 -17.61
CA THR A 389 5.34 34.77 -17.93
C THR A 389 4.96 36.25 -18.06
N MET A 390 3.69 36.52 -18.30
CA MET A 390 3.14 37.88 -18.30
C MET A 390 3.19 38.42 -16.87
N GLN A 391 2.56 37.65 -15.97
CA GLN A 391 2.53 37.92 -14.52
C GLN A 391 3.95 38.02 -13.93
N MET A 392 4.80 37.08 -14.32
CA MET A 392 6.18 37.03 -13.81
C MET A 392 6.91 38.33 -14.03
N SER A 393 6.83 38.85 -15.26
CA SER A 393 7.50 40.10 -15.65
C SER A 393 6.97 41.32 -14.89
N LEU A 394 5.68 41.29 -14.54
CA LEU A 394 5.08 42.36 -13.74
C LEU A 394 5.63 42.36 -12.31
N LYS A 395 6.72 43.11 -12.13
CA LYS A 395 7.41 43.29 -10.84
C LYS A 395 7.57 42.01 -10.01
N LEU B 1 6.48 -32.92 -10.70
CA LEU B 1 7.05 -33.57 -11.90
C LEU B 1 8.33 -34.31 -11.54
N ASP B 2 8.39 -35.59 -11.91
CA ASP B 2 9.50 -36.46 -11.55
C ASP B 2 10.71 -36.33 -12.48
N ASN B 3 11.26 -35.12 -12.61
CA ASN B 3 12.41 -34.89 -13.47
C ASN B 3 13.65 -34.52 -12.67
N GLY B 4 13.60 -34.71 -11.36
CA GLY B 4 14.72 -34.43 -10.46
C GLY B 4 15.01 -32.95 -10.25
N LEU B 5 14.19 -32.08 -10.83
CA LEU B 5 14.38 -30.64 -10.68
C LEU B 5 13.46 -30.07 -9.61
N ALA B 6 13.76 -28.83 -9.19
CA ALA B 6 12.98 -28.12 -8.16
C ALA B 6 12.67 -28.97 -6.91
N ARG B 7 13.72 -29.54 -6.32
CA ARG B 7 13.60 -30.33 -5.09
C ARG B 7 13.36 -29.40 -3.90
N THR B 8 13.76 -28.14 -4.06
CA THR B 8 13.31 -27.06 -3.20
C THR B 8 12.76 -26.02 -4.16
N PRO B 9 11.83 -25.16 -3.71
CA PRO B 9 11.24 -24.18 -4.64
C PRO B 9 12.29 -23.43 -5.47
N THR B 10 12.03 -23.31 -6.77
CA THR B 10 12.87 -22.58 -7.71
C THR B 10 12.98 -21.11 -7.34
N MET B 11 14.18 -20.56 -7.47
CA MET B 11 14.41 -19.15 -7.20
C MET B 11 14.98 -18.42 -8.41
N GLY B 12 14.61 -17.16 -8.58
CA GLY B 12 15.18 -16.38 -9.67
C GLY B 12 14.56 -15.01 -9.86
N TRP B 13 14.54 -14.58 -11.11
CA TRP B 13 14.10 -13.26 -11.51
C TRP B 13 13.31 -13.34 -12.81
N LEU B 14 12.17 -12.67 -12.85
CA LEU B 14 11.25 -12.74 -13.99
C LEU B 14 10.80 -11.32 -14.31
N HIS B 15 10.87 -10.93 -15.57
CA HIS B 15 10.73 -9.52 -15.94
C HIS B 15 9.32 -8.92 -15.86
N TRP B 16 8.29 -9.76 -15.89
CA TRP B 16 6.93 -9.30 -16.22
C TRP B 16 6.37 -8.14 -15.40
N GLU B 17 6.17 -8.38 -14.10
CA GLU B 17 5.49 -7.41 -13.25
C GLU B 17 6.14 -6.02 -13.35
N ARG B 18 7.46 -6.00 -13.30
CA ARG B 18 8.21 -4.75 -13.29
C ARG B 18 8.32 -4.05 -14.66
N PHE B 19 8.53 -4.81 -15.72
CA PHE B 19 8.82 -4.24 -17.04
C PHE B 19 7.73 -4.43 -18.09
N MET B 20 6.90 -5.47 -17.89
CA MET B 20 5.71 -5.75 -18.71
C MET B 20 6.01 -6.01 -20.19
N CYS B 21 5.16 -5.49 -21.08
CA CYS B 21 5.34 -5.66 -22.53
C CYS B 21 5.78 -4.35 -23.21
N ASN B 22 6.85 -3.76 -22.69
CA ASN B 22 7.37 -2.50 -23.21
C ASN B 22 8.21 -2.69 -24.49
N LEU B 23 7.68 -2.26 -25.62
CA LEU B 23 8.32 -2.50 -26.92
C LEU B 23 9.00 -1.26 -27.49
N ASP B 24 8.96 -0.17 -26.73
CA ASP B 24 9.48 1.11 -27.19
C ASP B 24 10.93 1.32 -26.73
N CYS B 25 11.88 0.76 -27.48
CA CYS B 25 13.30 0.96 -27.21
C CYS B 25 13.81 2.32 -27.71
N GLN B 26 13.02 2.94 -28.58
CA GLN B 26 13.30 4.25 -29.11
C GLN B 26 13.17 5.30 -28.01
N GLU B 27 11.99 5.36 -27.39
CA GLU B 27 11.70 6.36 -26.36
C GLU B 27 12.14 5.92 -24.98
N GLU B 28 12.15 4.60 -24.75
CA GLU B 28 12.48 4.03 -23.44
C GLU B 28 13.52 2.91 -23.56
N PRO B 29 14.77 3.24 -23.95
CA PRO B 29 15.76 2.19 -24.15
C PRO B 29 16.10 1.37 -22.89
N ASP B 30 15.93 1.96 -21.71
CA ASP B 30 16.37 1.36 -20.45
C ASP B 30 15.37 0.39 -19.82
N SER B 31 14.14 0.38 -20.31
CA SER B 31 13.11 -0.50 -19.74
C SER B 31 12.27 -1.25 -20.77
N CYS B 32 12.67 -1.18 -22.04
CA CYS B 32 12.05 -2.01 -23.06
C CYS B 32 12.63 -3.41 -22.96
N ILE B 33 11.84 -4.41 -23.34
CA ILE B 33 12.24 -5.81 -23.29
C ILE B 33 13.28 -6.10 -24.37
N SER B 34 14.54 -6.20 -23.96
CA SER B 34 15.65 -6.39 -24.90
C SER B 34 16.66 -7.39 -24.35
N GLU B 35 17.57 -7.86 -25.20
CA GLU B 35 18.71 -8.67 -24.76
C GLU B 35 19.61 -7.90 -23.80
N LYS B 36 19.75 -6.60 -24.03
CA LYS B 36 20.56 -5.74 -23.18
C LYS B 36 20.03 -5.73 -21.74
N LEU B 37 18.71 -5.65 -21.59
CA LEU B 37 18.10 -5.68 -20.26
C LEU B 37 18.50 -6.91 -19.48
N PHE B 38 18.38 -8.08 -20.12
CA PHE B 38 18.62 -9.35 -19.46
C PHE B 38 20.09 -9.58 -19.15
N MET B 39 20.97 -8.99 -19.97
CA MET B 39 22.41 -9.07 -19.72
C MET B 39 22.79 -8.23 -18.49
N GLU B 40 22.21 -7.04 -18.39
CA GLU B 40 22.44 -6.18 -17.22
C GLU B 40 22.03 -6.90 -15.95
N MET B 41 20.82 -7.47 -15.96
CA MET B 41 20.29 -8.23 -14.82
C MET B 41 21.16 -9.43 -14.47
N ALA B 42 21.68 -10.11 -15.48
CA ALA B 42 22.57 -11.24 -15.28
C ALA B 42 23.87 -10.81 -14.58
N GLU B 43 24.49 -9.75 -15.07
CA GLU B 43 25.68 -9.17 -14.44
C GLU B 43 25.43 -8.90 -12.96
N LEU B 44 24.31 -8.22 -12.68
CA LEU B 44 23.96 -7.79 -11.33
C LEU B 44 23.59 -8.94 -10.40
N MET B 45 22.90 -9.95 -10.94
CA MET B 45 22.55 -11.12 -10.15
C MET B 45 23.80 -11.74 -9.52
N VAL B 46 24.93 -11.68 -10.23
CA VAL B 46 26.18 -12.14 -9.67
C VAL B 46 26.76 -11.08 -8.73
N SER B 47 27.08 -9.90 -9.27
CA SER B 47 27.83 -8.87 -8.53
C SER B 47 27.12 -8.36 -7.25
N GLU B 48 25.79 -8.46 -7.19
CA GLU B 48 25.05 -7.97 -6.03
C GLU B 48 24.68 -9.06 -5.04
N GLY B 49 25.15 -10.27 -5.31
CA GLY B 49 25.00 -11.38 -4.38
C GLY B 49 23.68 -12.12 -4.45
N TRP B 50 22.90 -11.88 -5.49
CA TRP B 50 21.63 -12.59 -5.69
C TRP B 50 21.86 -14.09 -5.94
N LYS B 51 22.83 -14.41 -6.79
CA LYS B 51 23.19 -15.79 -7.04
C LYS B 51 23.62 -16.50 -5.74
N ASP B 52 24.40 -15.81 -4.92
CA ASP B 52 24.86 -16.39 -3.67
C ASP B 52 23.73 -16.64 -2.68
N ALA B 53 22.78 -15.70 -2.64
CA ALA B 53 21.59 -15.85 -1.80
C ALA B 53 20.73 -17.01 -2.27
N GLY B 54 20.87 -17.38 -3.54
CA GLY B 54 20.14 -18.52 -4.10
C GLY B 54 19.39 -18.26 -5.39
N TYR B 55 19.29 -17.00 -5.81
CA TYR B 55 18.52 -16.69 -7.02
C TYR B 55 19.34 -16.98 -8.26
N GLU B 56 18.99 -18.03 -9.01
CA GLU B 56 19.80 -18.39 -10.17
C GLU B 56 19.11 -18.55 -11.52
N TYR B 57 17.83 -18.23 -11.59
CA TYR B 57 17.10 -18.28 -12.85
C TYR B 57 16.77 -16.89 -13.39
N LEU B 58 17.42 -16.51 -14.48
CA LEU B 58 17.07 -15.27 -15.16
C LEU B 58 16.02 -15.56 -16.22
N CYS B 59 14.80 -15.09 -15.97
CA CYS B 59 13.65 -15.50 -16.77
C CYS B 59 13.03 -14.42 -17.63
N ILE B 60 12.87 -14.74 -18.91
CA ILE B 60 12.20 -13.89 -19.88
C ILE B 60 10.71 -14.23 -19.83
N ASP B 61 9.87 -13.22 -19.62
CA ASP B 61 8.43 -13.43 -19.69
C ASP B 61 7.94 -13.17 -21.11
N ASP B 62 6.73 -12.63 -21.25
CA ASP B 62 6.09 -12.42 -22.54
C ASP B 62 6.78 -11.29 -23.32
N CYS B 63 6.52 -11.23 -24.62
CA CYS B 63 6.97 -10.17 -25.54
C CYS B 63 8.46 -10.18 -25.87
N TRP B 64 9.05 -11.36 -25.89
CA TRP B 64 10.43 -11.53 -26.35
C TRP B 64 10.50 -11.89 -27.84
N MET B 65 9.43 -12.51 -28.34
CA MET B 65 9.42 -13.06 -29.70
C MET B 65 8.93 -12.08 -30.75
N ALA B 66 9.35 -12.35 -32.00
CA ALA B 66 8.89 -11.63 -33.18
C ALA B 66 7.43 -11.95 -33.47
N PRO B 67 6.74 -11.09 -34.25
CA PRO B 67 5.30 -11.27 -34.47
C PRO B 67 4.94 -12.55 -35.21
N GLN B 68 5.89 -13.12 -35.94
CA GLN B 68 5.63 -14.23 -36.84
C GLN B 68 6.66 -15.35 -36.61
N ARG B 69 6.24 -16.60 -36.82
CA ARG B 69 7.17 -17.72 -36.88
C ARG B 69 7.97 -17.66 -38.18
N ASP B 70 9.22 -18.12 -38.16
CA ASP B 70 9.99 -18.21 -39.41
C ASP B 70 9.45 -19.32 -40.32
N SER B 71 10.02 -19.45 -41.51
CA SER B 71 9.51 -20.40 -42.51
C SER B 71 9.46 -21.85 -42.02
N GLU B 72 10.33 -22.21 -41.09
CA GLU B 72 10.32 -23.55 -40.49
C GLU B 72 9.40 -23.63 -39.28
N GLY B 73 8.52 -22.64 -39.14
CA GLY B 73 7.52 -22.62 -38.07
C GLY B 73 8.08 -22.46 -36.66
N ARG B 74 9.26 -21.86 -36.55
CA ARG B 74 9.90 -21.68 -35.25
C ARG B 74 9.58 -20.30 -34.70
N LEU B 75 9.56 -20.19 -33.38
CA LEU B 75 9.44 -18.89 -32.76
C LEU B 75 10.75 -18.14 -32.97
N GLN B 76 10.66 -16.85 -33.27
CA GLN B 76 11.86 -16.04 -33.48
C GLN B 76 11.99 -14.93 -32.43
N ALA B 77 13.19 -14.79 -31.87
CA ALA B 77 13.53 -13.64 -31.04
C ALA B 77 13.42 -12.38 -31.87
N ASP B 78 12.73 -11.38 -31.34
CA ASP B 78 12.51 -10.14 -32.08
C ASP B 78 13.83 -9.60 -32.62
N PRO B 79 13.87 -9.33 -33.95
CA PRO B 79 15.10 -8.91 -34.63
C PRO B 79 15.78 -7.67 -34.06
N GLN B 80 14.99 -6.67 -33.61
CA GLN B 80 15.56 -5.42 -33.07
C GLN B 80 15.94 -5.54 -31.61
N ARG B 81 15.06 -6.12 -30.81
CA ARG B 81 15.24 -6.18 -29.36
C ARG B 81 16.16 -7.35 -28.91
N PHE B 82 16.22 -8.39 -29.72
CA PHE B 82 17.15 -9.50 -29.48
C PHE B 82 17.95 -9.85 -30.75
N PRO B 83 18.77 -8.92 -31.25
CA PRO B 83 19.47 -9.19 -32.52
C PRO B 83 20.43 -10.38 -32.48
N HIS B 84 21.05 -10.65 -31.33
CA HIS B 84 21.99 -11.77 -31.21
C HIS B 84 21.28 -13.08 -30.86
N GLY B 85 19.96 -13.02 -30.75
CA GLY B 85 19.14 -14.20 -30.50
C GLY B 85 19.24 -14.78 -29.11
N ILE B 86 18.41 -15.78 -28.85
CA ILE B 86 18.31 -16.40 -27.54
C ILE B 86 19.56 -17.24 -27.22
N ARG B 87 20.08 -17.96 -28.20
CA ARG B 87 21.20 -18.89 -27.95
C ARG B 87 22.42 -18.21 -27.35
N GLN B 88 22.79 -17.04 -27.90
CA GLN B 88 23.90 -16.25 -27.37
C GLN B 88 23.59 -15.74 -25.97
N LEU B 89 22.37 -15.24 -25.78
CA LEU B 89 21.90 -14.80 -24.47
C LEU B 89 22.01 -15.91 -23.44
N ALA B 90 21.57 -17.11 -23.81
CA ALA B 90 21.69 -18.29 -22.95
C ALA B 90 23.13 -18.58 -22.57
N ASN B 91 24.02 -18.55 -23.56
CA ASN B 91 25.45 -18.73 -23.34
C ASN B 91 26.02 -17.73 -22.33
N TYR B 92 25.68 -16.45 -22.53
CA TYR B 92 26.07 -15.39 -21.61
C TYR B 92 25.64 -15.69 -20.17
N VAL B 93 24.38 -16.09 -20.00
CA VAL B 93 23.81 -16.42 -18.70
C VAL B 93 24.50 -17.63 -18.05
N HIS B 94 24.83 -18.63 -18.87
CA HIS B 94 25.52 -19.82 -18.37
C HIS B 94 26.95 -19.50 -17.92
N SER B 95 27.62 -18.60 -18.63
CA SER B 95 28.98 -18.20 -18.29
C SER B 95 29.05 -17.45 -16.97
N LYS B 96 27.93 -16.85 -16.57
CA LYS B 96 27.82 -16.20 -15.26
C LYS B 96 27.43 -17.20 -14.18
N GLY B 97 27.23 -18.46 -14.57
CA GLY B 97 26.85 -19.51 -13.63
C GLY B 97 25.37 -19.55 -13.32
N LEU B 98 24.58 -18.79 -14.09
CA LEU B 98 23.14 -18.73 -13.92
C LEU B 98 22.42 -19.64 -14.93
N LYS B 99 21.10 -19.75 -14.78
CA LYS B 99 20.25 -20.49 -15.72
C LYS B 99 19.22 -19.57 -16.39
N LEU B 100 18.79 -19.95 -17.60
CA LEU B 100 17.86 -19.12 -18.39
C LEU B 100 16.43 -19.67 -18.46
N GLY B 101 15.46 -18.79 -18.23
CA GLY B 101 14.06 -19.14 -18.35
C GLY B 101 13.43 -18.43 -19.54
N ILE B 102 12.52 -19.14 -20.21
CA ILE B 102 11.77 -18.54 -21.31
C ILE B 102 10.27 -18.73 -21.10
N TYR B 103 9.49 -18.04 -21.92
CA TYR B 103 8.03 -18.00 -21.81
C TYR B 103 7.40 -18.40 -23.13
N ALA B 104 6.32 -19.17 -23.04
CA ALA B 104 5.49 -19.50 -24.19
C ALA B 104 4.06 -19.72 -23.70
N ASP B 105 3.15 -19.98 -24.62
CA ASP B 105 1.73 -20.12 -24.29
C ASP B 105 1.08 -21.34 -24.94
N VAL B 106 0.27 -22.05 -24.14
CA VAL B 106 -0.43 -23.27 -24.57
C VAL B 106 -1.48 -23.06 -25.67
N GLY B 107 -2.00 -21.83 -25.78
CA GLY B 107 -3.04 -21.51 -26.75
C GLY B 107 -2.55 -21.02 -28.10
N ASN B 108 -3.46 -20.42 -28.86
CA ASN B 108 -3.15 -19.90 -30.20
C ASN B 108 -2.26 -18.66 -30.16
N LYS B 109 -2.34 -17.90 -29.08
CA LYS B 109 -1.52 -16.71 -28.89
C LYS B 109 -1.10 -16.54 -27.43
N THR B 110 0.00 -15.83 -27.20
CA THR B 110 0.41 -15.46 -25.85
C THR B 110 -0.54 -14.41 -25.32
N CYS B 111 -0.52 -14.17 -24.02
CA CYS B 111 -1.43 -13.19 -23.41
C CYS B 111 -1.29 -11.80 -24.05
N ALA B 112 -0.07 -11.47 -24.49
CA ALA B 112 0.19 -10.18 -25.13
C ALA B 112 -0.09 -10.17 -26.63
N GLY B 113 -0.49 -11.32 -27.18
CA GLY B 113 -0.95 -11.43 -28.56
C GLY B 113 0.05 -12.01 -29.56
N PHE B 114 1.21 -12.41 -29.05
CA PHE B 114 2.26 -13.02 -29.89
C PHE B 114 1.99 -14.51 -30.15
N PRO B 115 2.71 -15.13 -31.10
CA PRO B 115 2.45 -16.53 -31.48
C PRO B 115 2.36 -17.51 -30.31
N GLY B 116 1.26 -18.25 -30.25
CA GLY B 116 1.09 -19.32 -29.26
C GLY B 116 1.67 -20.65 -29.73
N SER B 117 1.72 -21.62 -28.83
CA SER B 117 2.39 -22.89 -29.10
C SER B 117 1.45 -24.02 -29.53
N PHE B 118 0.16 -23.72 -29.64
CA PHE B 118 -0.80 -24.73 -30.06
C PHE B 118 -0.44 -25.28 -31.44
N GLY B 119 -0.31 -26.61 -31.52
CA GLY B 119 0.11 -27.30 -32.75
C GLY B 119 1.58 -27.14 -33.09
N TYR B 120 2.38 -26.75 -32.10
CA TYR B 120 3.81 -26.55 -32.28
C TYR B 120 4.60 -27.01 -31.08
N TYR B 121 3.93 -27.67 -30.15
CA TYR B 121 4.56 -28.09 -28.90
C TYR B 121 5.91 -28.78 -29.13
N ASP B 122 5.91 -29.82 -29.96
CA ASP B 122 7.13 -30.55 -30.29
C ASP B 122 8.22 -29.63 -30.86
N ILE B 123 7.87 -28.84 -31.88
CA ILE B 123 8.80 -27.90 -32.51
C ILE B 123 9.35 -26.94 -31.46
N ASP B 124 8.47 -26.33 -30.70
CA ASP B 124 8.86 -25.33 -29.72
C ASP B 124 9.73 -25.90 -28.60
N ALA B 125 9.36 -27.07 -28.08
CA ALA B 125 10.15 -27.77 -27.08
C ALA B 125 11.58 -28.02 -27.57
N GLN B 126 11.69 -28.49 -28.81
CA GLN B 126 12.99 -28.74 -29.43
C GLN B 126 13.80 -27.46 -29.61
N THR B 127 13.13 -26.37 -30.01
CA THR B 127 13.80 -25.09 -30.19
C THR B 127 14.43 -24.62 -28.88
N PHE B 128 13.69 -24.76 -27.79
CA PHE B 128 14.17 -24.36 -26.48
C PHE B 128 15.38 -25.17 -26.03
N ALA B 129 15.26 -26.49 -26.06
CA ALA B 129 16.33 -27.41 -25.68
C ALA B 129 17.63 -27.14 -26.46
N ASP B 130 17.48 -26.89 -27.76
CA ASP B 130 18.60 -26.52 -28.62
C ASP B 130 19.30 -25.25 -28.12
N TRP B 131 18.52 -24.22 -27.78
CA TRP B 131 19.06 -22.93 -27.32
C TRP B 131 19.81 -23.01 -25.99
N GLY B 132 19.47 -24.00 -25.18
CA GLY B 132 20.05 -24.16 -23.85
C GLY B 132 19.15 -23.63 -22.74
N VAL B 133 17.86 -23.49 -23.05
CA VAL B 133 16.86 -23.02 -22.08
C VAL B 133 16.80 -24.00 -20.92
N ASP B 134 16.60 -23.47 -19.71
CA ASP B 134 16.63 -24.27 -18.49
C ASP B 134 15.28 -24.31 -17.77
N LEU B 135 14.38 -23.43 -18.17
CA LEU B 135 13.08 -23.29 -17.53
C LEU B 135 12.08 -22.71 -18.51
N LEU B 136 10.89 -23.29 -18.56
CA LEU B 136 9.81 -22.75 -19.38
C LEU B 136 8.60 -22.41 -18.52
N LYS B 137 8.16 -21.15 -18.64
CA LYS B 137 6.89 -20.71 -18.08
C LYS B 137 5.86 -20.85 -19.18
N PHE B 138 4.83 -21.65 -18.93
CA PHE B 138 3.84 -21.96 -19.95
C PHE B 138 2.47 -21.40 -19.55
N ASP B 139 1.99 -20.43 -20.31
CA ASP B 139 0.82 -19.64 -19.94
C ASP B 139 -0.46 -20.15 -20.62
N GLY B 140 -1.62 -19.86 -20.02
CA GLY B 140 -2.89 -20.45 -20.45
C GLY B 140 -3.85 -19.58 -21.25
N CYS B 141 -3.33 -18.51 -21.85
CA CYS B 141 -4.14 -17.57 -22.66
C CYS B 141 -4.58 -18.12 -24.01
N TYR B 142 -5.70 -17.59 -24.50
CA TYR B 142 -6.28 -17.96 -25.80
C TYR B 142 -6.39 -19.47 -26.03
N CYS B 143 -6.98 -20.14 -25.06
CA CYS B 143 -7.31 -21.55 -25.18
C CYS B 143 -8.83 -21.67 -25.19
N ASP B 144 -9.37 -22.24 -26.28
CA ASP B 144 -10.82 -22.24 -26.50
C ASP B 144 -11.63 -23.21 -25.63
N SER B 145 -11.02 -24.31 -25.21
CA SER B 145 -11.70 -25.29 -24.36
C SER B 145 -10.78 -25.90 -23.32
N LEU B 146 -11.38 -26.48 -22.28
CA LEU B 146 -10.64 -27.07 -21.18
C LEU B 146 -9.89 -28.34 -21.53
N GLU B 147 -10.41 -29.11 -22.50
CA GLU B 147 -9.70 -30.33 -22.93
C GLU B 147 -8.38 -29.96 -23.57
N ASN B 148 -8.42 -28.92 -24.40
CA ASN B 148 -7.24 -28.48 -25.12
C ASN B 148 -6.20 -27.97 -24.16
N LEU B 149 -6.66 -27.24 -23.15
CA LEU B 149 -5.82 -26.77 -22.06
C LEU B 149 -5.05 -27.93 -21.43
N ALA B 150 -5.79 -28.95 -20.99
CA ALA B 150 -5.19 -30.15 -20.38
C ALA B 150 -4.17 -30.82 -21.33
N ASP B 151 -4.61 -31.20 -22.52
CA ASP B 151 -3.75 -31.86 -23.49
C ASP B 151 -2.50 -31.04 -23.77
N GLY B 152 -2.69 -29.75 -24.02
CA GLY B 152 -1.57 -28.85 -24.33
C GLY B 152 -0.50 -28.89 -23.25
N TYR B 153 -0.93 -28.76 -21.99
CA TYR B 153 0.00 -28.78 -20.87
C TYR B 153 0.67 -30.13 -20.70
N LYS B 154 -0.10 -31.20 -20.89
CA LYS B 154 0.43 -32.56 -20.87
C LYS B 154 1.41 -32.79 -22.01
N HIS B 155 1.07 -32.29 -23.19
CA HIS B 155 1.89 -32.51 -24.40
C HIS B 155 3.26 -31.86 -24.24
N MET B 156 3.29 -30.59 -23.88
CA MET B 156 4.55 -29.85 -23.70
C MET B 156 5.42 -30.52 -22.65
N SER B 157 4.78 -31.01 -21.60
CA SER B 157 5.49 -31.71 -20.52
C SER B 157 6.31 -32.86 -21.08
N LEU B 158 5.69 -33.68 -21.92
CA LEU B 158 6.36 -34.83 -22.53
C LEU B 158 7.28 -34.41 -23.67
N ALA B 159 6.86 -33.37 -24.39
CA ALA B 159 7.66 -32.82 -25.48
C ALA B 159 9.01 -32.34 -24.96
N LEU B 160 9.01 -31.70 -23.79
CA LEU B 160 10.24 -31.27 -23.14
C LEU B 160 11.07 -32.47 -22.69
N ASN B 161 10.40 -33.44 -22.06
CA ASN B 161 11.05 -34.65 -21.56
C ASN B 161 11.80 -35.41 -22.66
N ARG B 162 11.21 -35.46 -23.85
CA ARG B 162 11.81 -36.13 -25.00
C ARG B 162 13.10 -35.49 -25.50
N THR B 163 13.24 -34.18 -25.29
CA THR B 163 14.44 -33.47 -25.74
C THR B 163 15.69 -33.91 -24.98
N GLY B 164 15.50 -34.48 -23.78
CA GLY B 164 16.61 -34.96 -22.97
C GLY B 164 17.27 -33.93 -22.08
N ARG B 165 16.96 -32.65 -22.26
CA ARG B 165 17.50 -31.60 -21.41
C ARG B 165 16.66 -31.41 -20.14
N SER B 166 17.32 -31.16 -19.01
CA SER B 166 16.63 -30.77 -17.79
C SER B 166 16.02 -29.38 -17.96
N ILE B 167 14.70 -29.31 -17.89
CA ILE B 167 13.99 -28.03 -17.97
C ILE B 167 12.90 -27.92 -16.88
N VAL B 168 13.04 -26.91 -16.03
CA VAL B 168 12.02 -26.60 -15.02
C VAL B 168 10.74 -26.14 -15.74
N TYR B 169 9.68 -26.91 -15.54
CA TYR B 169 8.41 -26.70 -16.25
C TYR B 169 7.34 -26.07 -15.35
N SER B 170 6.95 -24.84 -15.67
CA SER B 170 6.01 -24.05 -14.87
C SER B 170 4.69 -23.83 -15.61
N CYS B 171 3.59 -24.28 -15.00
CA CYS B 171 2.29 -24.32 -15.66
C CYS B 171 1.28 -23.36 -15.07
N SER B 172 0.66 -22.53 -15.91
CA SER B 172 -0.45 -21.68 -15.49
C SER B 172 -1.76 -22.48 -15.48
N TRP B 173 -1.65 -23.77 -15.82
CA TRP B 173 -2.77 -24.73 -15.92
C TRP B 173 -3.92 -24.46 -14.94
N PRO B 174 -3.71 -24.68 -13.62
CA PRO B 174 -4.85 -24.61 -12.72
C PRO B 174 -5.51 -23.23 -12.63
N ALA B 175 -4.72 -22.16 -12.77
CA ALA B 175 -5.25 -20.79 -12.76
C ALA B 175 -6.33 -20.58 -13.81
N TYR B 176 -6.08 -21.08 -15.02
CA TYR B 176 -7.00 -20.90 -16.14
C TYR B 176 -8.08 -21.95 -16.16
N MET B 177 -7.93 -22.93 -15.29
CA MET B 177 -8.86 -24.04 -15.15
C MET B 177 -9.94 -23.67 -14.12
N TRP B 178 -9.57 -22.86 -13.13
CA TRP B 178 -10.46 -22.49 -12.02
C TRP B 178 -11.81 -21.82 -12.36
N PRO B 179 -11.81 -20.87 -13.31
CA PRO B 179 -13.10 -20.32 -13.74
C PRO B 179 -14.00 -21.26 -14.57
N PHE B 180 -13.84 -22.56 -14.42
CA PHE B 180 -14.78 -23.51 -15.00
C PHE B 180 -15.01 -24.67 -14.05
N GLN B 181 -13.94 -25.28 -13.56
CA GLN B 181 -14.06 -26.42 -12.67
C GLN B 181 -12.89 -26.61 -11.70
N LYS B 182 -13.06 -27.54 -10.77
CA LYS B 182 -12.02 -27.90 -9.84
C LYS B 182 -10.90 -28.68 -10.55
N PRO B 183 -9.66 -28.19 -10.46
CA PRO B 183 -8.50 -28.83 -11.07
C PRO B 183 -8.11 -30.11 -10.35
N ASN B 184 -7.55 -31.07 -11.08
CA ASN B 184 -7.02 -32.28 -10.48
C ASN B 184 -5.54 -32.06 -10.19
N TYR B 185 -5.22 -31.85 -8.92
CA TYR B 185 -3.85 -31.52 -8.53
C TYR B 185 -2.89 -32.70 -8.53
N THR B 186 -3.43 -33.90 -8.29
CA THR B 186 -2.67 -35.13 -8.49
C THR B 186 -2.14 -35.17 -9.93
N GLU B 187 -3.04 -34.90 -10.87
CA GLU B 187 -2.72 -34.85 -12.30
C GLU B 187 -1.71 -33.74 -12.62
N ILE B 188 -1.94 -32.55 -12.06
CA ILE B 188 -1.09 -31.41 -12.36
C ILE B 188 0.36 -31.61 -11.86
N ARG B 189 0.49 -32.21 -10.68
CA ARG B 189 1.83 -32.43 -10.13
C ARG B 189 2.62 -33.51 -10.90
N GLN B 190 1.91 -34.40 -11.58
CA GLN B 190 2.54 -35.40 -12.46
C GLN B 190 3.32 -34.75 -13.59
N TYR B 191 2.80 -33.63 -14.10
CA TYR B 191 3.32 -33.03 -15.32
C TYR B 191 4.03 -31.68 -15.12
N CYS B 192 3.98 -31.13 -13.91
CA CYS B 192 4.49 -29.77 -13.67
C CYS B 192 5.42 -29.64 -12.45
N ASN B 193 6.47 -28.84 -12.59
CA ASN B 193 7.38 -28.55 -11.48
C ASN B 193 6.77 -27.56 -10.50
N HIS B 194 6.13 -26.52 -11.04
CA HIS B 194 5.23 -25.66 -10.26
C HIS B 194 4.07 -25.12 -11.09
N TRP B 195 3.03 -24.64 -10.41
CA TRP B 195 1.79 -24.27 -11.07
C TRP B 195 1.20 -22.98 -10.51
N ARG B 196 0.81 -22.09 -11.41
CA ARG B 196 0.19 -20.83 -11.05
C ARG B 196 -1.28 -21.00 -10.71
N ASN B 197 -1.68 -20.43 -9.57
CA ASN B 197 -3.05 -20.51 -9.12
C ASN B 197 -3.85 -19.25 -9.42
N PHE B 198 -3.17 -18.19 -9.86
CA PHE B 198 -3.82 -16.90 -10.09
C PHE B 198 -3.63 -16.32 -11.48
N ALA B 199 -4.59 -15.47 -11.85
CA ALA B 199 -4.61 -14.77 -13.14
C ALA B 199 -3.31 -14.02 -13.37
N ASP B 200 -3.05 -13.04 -12.50
CA ASP B 200 -1.77 -12.36 -12.41
C ASP B 200 -1.58 -11.76 -11.01
N ILE B 201 -0.60 -10.89 -10.86
CA ILE B 201 -0.34 -10.21 -9.61
C ILE B 201 0.09 -8.80 -10.00
N ASP B 202 -0.01 -7.87 -9.05
CA ASP B 202 0.53 -6.55 -9.30
C ASP B 202 1.15 -5.90 -8.07
N ASP B 203 1.70 -4.70 -8.27
CA ASP B 203 2.38 -3.96 -7.23
C ASP B 203 1.38 -3.35 -6.27
N SER B 204 0.65 -4.18 -5.54
CA SER B 204 -0.36 -3.68 -4.60
C SER B 204 -0.65 -4.63 -3.44
N TRP B 205 -0.95 -4.03 -2.28
CA TRP B 205 -1.36 -4.76 -1.09
C TRP B 205 -2.65 -5.53 -1.33
N LYS B 206 -3.56 -4.92 -2.05
CA LYS B 206 -4.82 -5.52 -2.46
C LYS B 206 -4.59 -6.89 -3.10
N SER B 207 -3.57 -6.97 -3.95
CA SER B 207 -3.24 -8.19 -4.65
C SER B 207 -2.67 -9.26 -3.73
N ILE B 208 -1.79 -8.86 -2.82
CA ILE B 208 -1.17 -9.77 -1.84
C ILE B 208 -2.25 -10.41 -0.95
N LYS B 209 -3.11 -9.57 -0.37
CA LYS B 209 -4.24 -10.02 0.45
C LYS B 209 -5.15 -10.98 -0.30
N SER B 210 -5.47 -10.62 -1.53
CA SER B 210 -6.31 -11.45 -2.38
C SER B 210 -5.68 -12.84 -2.57
N ILE B 211 -4.36 -12.87 -2.82
CA ILE B 211 -3.61 -14.12 -2.98
C ILE B 211 -3.60 -14.94 -1.68
N LEU B 212 -3.25 -14.31 -0.58
CA LEU B 212 -3.25 -14.99 0.72
C LEU B 212 -4.61 -15.61 1.04
N ASP B 213 -5.67 -14.82 0.87
CA ASP B 213 -7.01 -15.26 1.27
C ASP B 213 -7.54 -16.41 0.43
N TRP B 214 -7.30 -16.38 -0.88
CA TRP B 214 -7.71 -17.48 -1.76
C TRP B 214 -6.97 -18.77 -1.38
N THR B 215 -5.68 -18.64 -1.14
CA THR B 215 -4.81 -19.76 -0.78
C THR B 215 -5.26 -20.45 0.51
N SER B 216 -5.50 -19.66 1.57
CA SER B 216 -6.00 -20.17 2.84
C SER B 216 -7.40 -20.79 2.70
N PHE B 217 -8.28 -20.10 1.97
CA PHE B 217 -9.60 -20.63 1.71
C PHE B 217 -9.51 -22.01 1.06
N ASN B 218 -8.69 -22.13 0.03
CA ASN B 218 -8.58 -23.37 -0.73
C ASN B 218 -7.46 -24.29 -0.25
N GLN B 219 -6.97 -24.06 0.97
CA GLN B 219 -5.80 -24.80 1.46
C GLN B 219 -6.01 -26.31 1.61
N GLU B 220 -7.25 -26.72 1.84
CA GLU B 220 -7.60 -28.13 1.92
C GLU B 220 -7.28 -28.88 0.63
N ARG B 221 -7.54 -28.24 -0.51
CA ARG B 221 -7.29 -28.87 -1.81
C ARG B 221 -5.82 -28.88 -2.18
N ILE B 222 -5.08 -27.86 -1.77
CA ILE B 222 -3.78 -27.54 -2.40
C ILE B 222 -2.52 -27.74 -1.59
N VAL B 223 -2.58 -27.59 -0.27
CA VAL B 223 -1.39 -27.60 0.57
C VAL B 223 -0.63 -28.92 0.48
N ASP B 224 -1.33 -30.03 0.72
CA ASP B 224 -0.69 -31.34 0.84
C ASP B 224 -0.15 -31.91 -0.46
N VAL B 225 -0.62 -31.41 -1.60
CA VAL B 225 -0.12 -31.91 -2.89
C VAL B 225 1.26 -31.35 -3.23
N ALA B 226 1.63 -30.27 -2.54
CA ALA B 226 2.94 -29.64 -2.72
C ALA B 226 4.04 -30.41 -2.01
N GLY B 227 5.25 -30.35 -2.57
CA GLY B 227 6.42 -31.04 -2.01
C GLY B 227 7.57 -31.01 -3.00
N PRO B 228 8.75 -31.53 -2.61
CA PRO B 228 9.88 -31.54 -3.54
C PRO B 228 9.47 -31.99 -4.95
N GLY B 229 9.85 -31.20 -5.95
CA GLY B 229 9.52 -31.51 -7.34
C GLY B 229 8.18 -30.98 -7.84
N GLY B 230 7.36 -30.44 -6.94
CA GLY B 230 6.04 -29.90 -7.30
C GLY B 230 5.50 -28.88 -6.32
N TRP B 231 5.45 -27.62 -6.75
CA TRP B 231 5.09 -26.50 -5.85
C TRP B 231 3.89 -25.67 -6.31
N ASN B 232 3.17 -25.09 -5.34
CA ASN B 232 2.14 -24.08 -5.57
C ASN B 232 2.82 -22.76 -5.84
N ASP B 233 2.37 -22.05 -6.89
CA ASP B 233 2.99 -20.79 -7.29
C ASP B 233 2.06 -19.58 -7.10
N PRO B 234 2.25 -18.83 -6.00
CA PRO B 234 1.45 -17.62 -5.74
C PRO B 234 1.98 -16.39 -6.47
N ASP B 235 2.89 -16.61 -7.42
CA ASP B 235 3.38 -15.58 -8.34
C ASP B 235 4.52 -14.74 -7.76
N MET B 236 4.98 -13.78 -8.56
CA MET B 236 6.22 -13.03 -8.33
C MET B 236 6.26 -12.23 -7.04
N LEU B 237 7.47 -12.12 -6.48
CA LEU B 237 7.73 -11.19 -5.38
C LEU B 237 7.81 -9.78 -5.97
N VAL B 238 7.08 -8.84 -5.38
CA VAL B 238 7.06 -7.45 -5.89
C VAL B 238 7.80 -6.49 -4.97
N ILE B 239 8.49 -7.05 -3.97
CA ILE B 239 9.31 -6.29 -3.03
C ILE B 239 10.33 -5.41 -3.78
N GLY B 240 10.46 -4.16 -3.34
CA GLY B 240 11.45 -3.26 -3.91
C GLY B 240 10.94 -2.40 -5.05
N ASN B 241 9.64 -2.45 -5.31
CA ASN B 241 9.02 -1.65 -6.35
C ASN B 241 8.33 -0.39 -5.80
N PHE B 242 7.03 -0.22 -6.07
CA PHE B 242 6.38 1.09 -5.87
C PHE B 242 5.12 1.07 -5.02
N GLY B 243 4.39 -0.03 -5.03
CA GLY B 243 3.05 -0.06 -4.46
C GLY B 243 2.86 -0.66 -3.08
N LEU B 244 3.93 -1.19 -2.50
CA LEU B 244 3.85 -1.79 -1.16
C LEU B 244 4.60 -0.97 -0.12
N SER B 245 3.99 -0.79 1.05
CA SER B 245 4.67 -0.19 2.19
C SER B 245 5.70 -1.17 2.71
N TRP B 246 6.65 -0.69 3.51
CA TRP B 246 7.66 -1.59 4.04
C TRP B 246 7.05 -2.82 4.73
N ASN B 247 6.02 -2.60 5.54
CA ASN B 247 5.36 -3.68 6.27
C ASN B 247 4.73 -4.75 5.36
N GLN B 248 4.16 -4.30 4.25
CA GLN B 248 3.52 -5.18 3.31
C GLN B 248 4.56 -6.03 2.58
N GLN B 249 5.68 -5.41 2.25
CA GLN B 249 6.80 -6.14 1.67
C GLN B 249 7.25 -7.29 2.58
N VAL B 250 7.36 -6.99 3.88
CA VAL B 250 7.78 -7.98 4.88
C VAL B 250 6.78 -9.10 4.91
N THR B 251 5.50 -8.75 4.92
CA THR B 251 4.43 -9.73 4.88
C THR B 251 4.59 -10.67 3.69
N GLN B 252 4.84 -10.13 2.49
CA GLN B 252 5.03 -10.99 1.32
C GLN B 252 6.21 -11.95 1.49
N MET B 253 7.37 -11.43 1.85
CA MET B 253 8.56 -12.28 2.03
C MET B 253 8.30 -13.41 3.04
N ALA B 254 7.70 -13.06 4.18
CA ALA B 254 7.45 -14.03 5.23
C ALA B 254 6.50 -15.14 4.75
N LEU B 255 5.38 -14.73 4.16
CA LEU B 255 4.35 -15.67 3.78
C LEU B 255 4.72 -16.55 2.59
N TRP B 256 5.56 -16.02 1.70
CA TRP B 256 6.08 -16.82 0.60
C TRP B 256 7.05 -17.90 1.09
N ALA B 257 7.66 -17.67 2.25
CA ALA B 257 8.49 -18.70 2.89
C ALA B 257 7.58 -19.78 3.50
N ILE B 258 6.54 -19.34 4.20
CA ILE B 258 5.55 -20.23 4.79
C ILE B 258 4.93 -21.15 3.73
N MET B 259 4.58 -20.58 2.58
CA MET B 259 3.82 -21.32 1.55
C MET B 259 4.70 -22.17 0.64
N ALA B 260 5.99 -22.25 0.97
CA ALA B 260 6.95 -23.01 0.18
C ALA B 260 6.77 -22.61 -1.28
N ALA B 261 6.82 -21.31 -1.52
CA ALA B 261 6.57 -20.74 -2.83
C ALA B 261 7.87 -20.57 -3.60
N PRO B 262 7.81 -20.67 -4.94
CA PRO B 262 8.99 -20.27 -5.68
C PRO B 262 9.27 -18.81 -5.37
N LEU B 263 10.52 -18.39 -5.51
CA LEU B 263 10.86 -17.01 -5.24
C LEU B 263 11.39 -16.36 -6.51
N PHE B 264 10.47 -15.87 -7.32
CA PHE B 264 10.82 -15.10 -8.49
C PHE B 264 10.58 -13.64 -8.24
N MET B 265 11.67 -12.90 -8.08
CA MET B 265 11.61 -11.46 -7.95
C MET B 265 11.24 -10.89 -9.29
N SER B 266 10.46 -9.82 -9.26
CA SER B 266 10.24 -9.00 -10.44
C SER B 266 10.45 -7.56 -10.03
N ASN B 267 11.63 -7.04 -10.31
CA ASN B 267 12.02 -5.69 -9.91
C ASN B 267 13.14 -5.23 -10.81
N ASP B 268 13.57 -3.98 -10.64
CA ASP B 268 14.73 -3.47 -11.37
C ASP B 268 15.96 -3.59 -10.47
N LEU B 269 16.78 -4.59 -10.73
CA LEU B 269 17.97 -4.84 -9.92
C LEU B 269 19.03 -3.73 -10.02
N ARG B 270 18.89 -2.84 -11.00
CA ARG B 270 19.78 -1.67 -11.13
C ARG B 270 19.42 -0.58 -10.13
N HIS B 271 18.15 -0.54 -9.73
CA HIS B 271 17.63 0.49 -8.85
C HIS B 271 16.78 -0.14 -7.75
N ILE B 272 17.45 -0.69 -6.74
CA ILE B 272 16.77 -1.34 -5.65
C ILE B 272 17.39 -0.90 -4.32
N SER B 273 16.54 -0.53 -3.38
CA SER B 273 16.99 0.02 -2.10
C SER B 273 17.72 -1.03 -1.25
N PRO B 274 18.73 -0.60 -0.46
CA PRO B 274 19.51 -1.49 0.40
C PRO B 274 18.65 -2.36 1.29
N GLN B 275 17.54 -1.80 1.75
CA GLN B 275 16.61 -2.47 2.64
C GLN B 275 15.89 -3.62 1.97
N ALA B 276 15.44 -3.36 0.74
CA ALA B 276 14.76 -4.35 -0.08
C ALA B 276 15.72 -5.47 -0.41
N LYS B 277 16.94 -5.11 -0.81
CA LYS B 277 18.01 -6.07 -1.07
C LYS B 277 18.19 -6.98 0.15
N ALA B 278 18.30 -6.39 1.33
CA ALA B 278 18.57 -7.12 2.56
C ALA B 278 17.47 -8.12 2.87
N LEU B 279 16.21 -7.70 2.69
CA LEU B 279 15.07 -8.54 2.94
C LEU B 279 14.97 -9.67 1.92
N LEU B 280 15.19 -9.35 0.64
CA LEU B 280 15.11 -10.34 -0.41
C LEU B 280 16.26 -11.35 -0.33
N GLN B 281 17.37 -10.94 0.31
CA GLN B 281 18.55 -11.79 0.47
C GLN B 281 18.70 -12.38 1.87
N ASP B 282 17.71 -12.13 2.74
CA ASP B 282 17.74 -12.62 4.12
C ASP B 282 18.01 -14.12 4.20
N LYS B 283 19.14 -14.47 4.82
CA LYS B 283 19.64 -15.84 4.85
C LYS B 283 18.67 -16.82 5.55
N ASP B 284 18.21 -16.42 6.73
CA ASP B 284 17.34 -17.25 7.56
C ASP B 284 15.95 -17.50 6.99
N VAL B 285 15.38 -16.48 6.34
CA VAL B 285 14.05 -16.58 5.76
C VAL B 285 14.12 -17.44 4.50
N ILE B 286 15.10 -17.18 3.65
CA ILE B 286 15.33 -18.01 2.45
C ILE B 286 15.50 -19.48 2.86
N ALA B 287 16.21 -19.72 3.95
CA ALA B 287 16.40 -21.07 4.49
C ALA B 287 15.07 -21.73 4.85
N ILE B 288 14.12 -20.96 5.37
CA ILE B 288 12.79 -21.46 5.69
C ILE B 288 12.05 -21.83 4.42
N ASN B 289 12.06 -20.93 3.45
CA ASN B 289 11.51 -21.22 2.13
C ASN B 289 12.14 -22.48 1.56
N GLN B 290 13.46 -22.57 1.62
CA GLN B 290 14.21 -23.68 1.02
C GLN B 290 14.33 -24.93 1.90
N ASP B 291 13.55 -25.01 2.97
CA ASP B 291 13.68 -26.11 3.90
C ASP B 291 13.54 -27.46 3.18
N PRO B 292 14.54 -28.33 3.33
CA PRO B 292 14.63 -29.57 2.55
C PRO B 292 13.48 -30.55 2.77
N LEU B 293 12.81 -30.50 3.91
CA LEU B 293 11.63 -31.33 4.14
C LEU B 293 10.56 -31.05 3.10
N GLY B 294 10.46 -29.79 2.69
CA GLY B 294 9.61 -29.40 1.57
C GLY B 294 8.11 -29.52 1.81
N LYS B 295 7.69 -29.25 3.04
CA LYS B 295 6.27 -29.22 3.36
C LYS B 295 5.73 -27.82 3.41
N GLN B 296 4.69 -27.58 2.61
CA GLN B 296 4.02 -26.28 2.60
C GLN B 296 3.25 -26.06 3.90
N GLY B 297 3.31 -24.83 4.40
CA GLY B 297 2.58 -24.45 5.60
C GLY B 297 1.16 -24.07 5.26
N TYR B 298 0.45 -23.58 6.26
CA TYR B 298 -0.98 -23.38 6.13
C TYR B 298 -1.41 -22.35 7.16
N GLN B 299 -2.61 -21.80 6.98
CA GLN B 299 -3.21 -20.92 7.96
C GLN B 299 -3.76 -21.75 9.11
N LEU B 300 -3.23 -21.53 10.31
CA LEU B 300 -3.65 -22.25 11.50
C LEU B 300 -4.98 -21.74 12.04
N ARG B 301 -5.13 -20.42 12.11
CA ARG B 301 -6.39 -19.80 12.49
C ARG B 301 -6.45 -18.33 12.11
N GLN B 302 -7.68 -17.81 12.12
CA GLN B 302 -7.96 -16.45 11.75
C GLN B 302 -9.07 -15.93 12.69
N GLY B 303 -9.11 -14.62 12.89
CA GLY B 303 -10.15 -14.00 13.70
C GLY B 303 -9.68 -12.68 14.31
N ASP B 304 -10.61 -11.74 14.48
CA ASP B 304 -10.30 -10.42 15.04
C ASP B 304 -9.22 -9.70 14.20
N ASN B 305 -9.29 -9.92 12.89
CA ASN B 305 -8.31 -9.39 11.95
C ASN B 305 -6.86 -9.78 12.26
N PHE B 306 -6.70 -10.94 12.89
CA PHE B 306 -5.40 -11.59 13.03
C PHE B 306 -5.40 -12.92 12.27
N GLU B 307 -4.23 -13.33 11.80
CA GLU B 307 -4.05 -14.58 11.10
C GLU B 307 -2.79 -15.26 11.61
N VAL B 308 -2.87 -16.55 11.87
CA VAL B 308 -1.67 -17.31 12.26
C VAL B 308 -1.39 -18.40 11.23
N TRP B 309 -0.21 -18.36 10.65
CA TRP B 309 0.22 -19.34 9.65
C TRP B 309 1.42 -20.05 10.23
N GLU B 310 1.56 -21.34 9.93
CA GLU B 310 2.72 -22.10 10.41
C GLU B 310 3.21 -23.08 9.36
N ARG B 311 4.48 -23.45 9.46
CA ARG B 311 5.08 -24.40 8.53
C ARG B 311 6.02 -25.37 9.26
N PRO B 312 5.84 -26.68 9.05
CA PRO B 312 6.78 -27.64 9.64
C PRO B 312 8.12 -27.65 8.90
N LEU B 313 9.20 -27.66 9.67
CA LEU B 313 10.56 -27.66 9.11
C LEU B 313 11.29 -28.91 9.59
N SER B 314 12.28 -29.36 8.83
CA SER B 314 13.07 -30.51 9.22
C SER B 314 13.75 -30.26 10.57
N GLY B 315 14.02 -31.33 11.30
CA GLY B 315 14.63 -31.24 12.62
C GLY B 315 13.63 -30.84 13.68
N LEU B 316 12.36 -31.18 13.44
CA LEU B 316 11.24 -30.81 14.31
C LEU B 316 11.26 -29.32 14.70
N ALA B 317 11.57 -28.49 13.71
CA ALA B 317 11.48 -27.05 13.87
C ALA B 317 10.23 -26.54 13.18
N TRP B 318 9.83 -25.32 13.51
CA TRP B 318 8.60 -24.73 12.97
C TRP B 318 8.78 -23.27 12.67
N ALA B 319 8.24 -22.82 11.54
CA ALA B 319 8.11 -21.39 11.25
C ALA B 319 6.68 -20.97 11.51
N VAL B 320 6.54 -19.82 12.17
CA VAL B 320 5.21 -19.29 12.51
C VAL B 320 5.12 -17.82 12.11
N ALA B 321 4.11 -17.48 11.32
CA ALA B 321 3.84 -16.10 10.91
C ALA B 321 2.51 -15.60 11.47
N MET B 322 2.51 -14.37 11.98
CA MET B 322 1.32 -13.76 12.54
C MET B 322 1.07 -12.44 11.83
N ILE B 323 -0.07 -12.34 11.15
CA ILE B 323 -0.37 -11.18 10.32
C ILE B 323 -1.45 -10.31 10.96
N ASN B 324 -1.19 -9.00 11.01
CA ASN B 324 -2.18 -8.04 11.47
C ASN B 324 -2.96 -7.48 10.27
N ARG B 325 -4.19 -7.94 10.10
CA ARG B 325 -5.00 -7.58 8.93
C ARG B 325 -5.79 -6.28 9.10
N GLN B 326 -5.78 -5.74 10.32
CA GLN B 326 -6.45 -4.47 10.60
C GLN B 326 -5.68 -3.32 9.95
N GLU B 327 -6.35 -2.55 9.10
CA GLU B 327 -5.70 -1.50 8.32
C GLU B 327 -5.93 -0.10 8.89
N ILE B 328 -6.02 -0.01 10.22
CA ILE B 328 -6.25 1.24 10.94
C ILE B 328 -5.62 1.14 12.34
N GLY B 329 -5.12 2.27 12.85
CA GLY B 329 -4.46 2.30 14.16
C GLY B 329 -2.96 2.06 14.10
N GLY B 330 -2.41 1.44 15.14
CA GLY B 330 -0.98 1.21 15.24
C GLY B 330 -0.63 -0.24 15.57
N PRO B 331 0.60 -0.49 16.04
CA PRO B 331 1.02 -1.86 16.41
C PRO B 331 0.05 -2.44 17.43
N ARG B 332 -0.61 -3.52 17.03
CA ARG B 332 -1.67 -4.13 17.82
C ARG B 332 -1.08 -5.34 18.51
N SER B 333 -1.34 -5.47 19.81
CA SER B 333 -0.79 -6.58 20.58
C SER B 333 -1.57 -7.87 20.32
N TYR B 334 -0.85 -8.98 20.20
CA TYR B 334 -1.46 -10.28 19.96
C TYR B 334 -0.80 -11.33 20.84
N THR B 335 -1.62 -12.20 21.42
CA THR B 335 -1.11 -13.21 22.34
C THR B 335 -1.64 -14.60 22.02
N ILE B 336 -0.73 -15.56 21.88
CA ILE B 336 -1.07 -16.96 21.62
C ILE B 336 -0.39 -17.92 22.60
N ALA B 337 -1.08 -19.02 22.90
CA ALA B 337 -0.50 -20.11 23.68
C ALA B 337 0.40 -20.97 22.78
N VAL B 338 1.64 -21.17 23.20
CA VAL B 338 2.61 -21.94 22.41
C VAL B 338 2.20 -23.42 22.23
N ALA B 339 1.29 -23.88 23.09
CA ALA B 339 0.74 -25.22 22.97
C ALA B 339 -0.11 -25.40 21.71
N SER B 340 -0.64 -24.31 21.17
CA SER B 340 -1.43 -24.34 19.95
C SER B 340 -0.56 -24.54 18.70
N LEU B 341 0.72 -24.22 18.81
CA LEU B 341 1.61 -24.23 17.66
C LEU B 341 2.20 -25.60 17.35
N GLY B 342 2.28 -25.91 16.05
CA GLY B 342 2.88 -27.14 15.57
C GLY B 342 2.18 -28.38 16.07
N LYS B 343 0.85 -28.37 15.98
CA LYS B 343 0.00 -29.47 16.45
C LYS B 343 0.30 -29.88 17.90
N GLY B 344 0.77 -28.92 18.68
CA GLY B 344 1.09 -29.14 20.08
C GLY B 344 2.37 -29.88 20.35
N VAL B 345 3.16 -30.10 19.30
CA VAL B 345 4.43 -30.80 19.42
C VAL B 345 5.60 -29.83 19.55
N ALA B 346 5.48 -28.68 18.87
CA ALA B 346 6.55 -27.70 18.73
C ALA B 346 7.22 -27.30 20.03
N CYS B 347 6.43 -26.93 21.04
CA CYS B 347 6.99 -26.48 22.32
C CYS B 347 6.68 -27.39 23.51
N ASN B 348 6.78 -28.69 23.30
CA ASN B 348 6.62 -29.68 24.36
C ASN B 348 7.91 -30.49 24.47
N PRO B 349 8.62 -30.36 25.61
CA PRO B 349 8.26 -29.64 26.84
C PRO B 349 8.49 -28.13 26.77
N ALA B 350 9.20 -27.70 25.74
CA ALA B 350 9.54 -26.29 25.56
C ALA B 350 10.10 -26.09 24.17
N CYS B 351 10.26 -24.83 23.79
CA CYS B 351 10.90 -24.47 22.54
C CYS B 351 11.67 -23.17 22.72
N PHE B 352 12.70 -22.98 21.92
CA PHE B 352 13.37 -21.69 21.83
C PHE B 352 12.82 -20.94 20.63
N ILE B 353 12.47 -19.67 20.85
CA ILE B 353 11.80 -18.88 19.83
C ILE B 353 12.68 -17.72 19.37
N THR B 354 12.94 -17.67 18.07
CA THR B 354 13.69 -16.58 17.47
C THR B 354 12.78 -15.82 16.52
N GLN B 355 12.74 -14.50 16.62
CA GLN B 355 12.00 -13.69 15.67
C GLN B 355 12.91 -13.37 14.49
N LEU B 356 12.40 -13.59 13.28
CA LEU B 356 13.16 -13.32 12.06
C LEU B 356 12.73 -12.03 11.38
N LEU B 357 11.44 -11.71 11.45
CA LEU B 357 10.90 -10.48 10.86
C LEU B 357 9.87 -9.84 11.79
N PRO B 358 9.75 -8.50 11.78
CA PRO B 358 10.45 -7.53 10.90
C PRO B 358 11.94 -7.37 11.19
N VAL B 359 12.39 -7.75 12.39
CA VAL B 359 13.82 -7.76 12.70
C VAL B 359 14.21 -9.09 13.35
N LYS B 360 15.51 -9.41 13.34
CA LYS B 360 15.99 -10.63 14.00
C LYS B 360 16.21 -10.36 15.48
N ARG B 361 15.73 -11.27 16.33
CA ARG B 361 15.76 -11.07 17.76
C ARG B 361 15.43 -12.36 18.49
N LYS B 362 16.35 -12.81 19.33
CA LYS B 362 16.13 -14.01 20.15
C LYS B 362 15.15 -13.68 21.27
N LEU B 363 14.05 -14.42 21.32
CA LEU B 363 13.03 -14.17 22.34
C LEU B 363 13.28 -14.97 23.62
N GLY B 364 13.69 -16.24 23.49
CA GLY B 364 14.01 -17.08 24.65
C GLY B 364 13.32 -18.43 24.66
N PHE B 365 13.37 -19.11 25.81
CA PHE B 365 12.75 -20.43 25.99
C PHE B 365 11.30 -20.29 26.47
N TYR B 366 10.42 -21.15 25.96
CA TYR B 366 8.99 -21.09 26.30
C TYR B 366 8.44 -22.47 26.65
N GLU B 367 7.92 -22.64 27.87
CA GLU B 367 7.35 -23.93 28.29
C GLU B 367 6.03 -24.22 27.58
N TRP B 368 5.65 -25.51 27.55
CA TRP B 368 4.44 -25.95 26.87
C TRP B 368 3.18 -25.21 27.33
N THR B 369 3.24 -24.66 28.54
CA THR B 369 2.08 -24.02 29.16
C THR B 369 2.17 -22.48 29.16
N SER B 370 3.12 -21.93 28.43
CA SER B 370 3.31 -20.48 28.43
C SER B 370 2.64 -19.78 27.24
N ARG B 371 2.47 -18.46 27.38
CA ARG B 371 1.86 -17.64 26.36
C ARG B 371 2.90 -16.70 25.76
N LEU B 372 2.81 -16.46 24.45
CA LEU B 372 3.70 -15.52 23.79
C LEU B 372 2.95 -14.25 23.37
N ARG B 373 3.52 -13.09 23.70
CA ARG B 373 2.97 -11.80 23.32
C ARG B 373 3.82 -11.15 22.23
N SER B 374 3.15 -10.60 21.23
CA SER B 374 3.81 -9.82 20.18
C SER B 374 3.02 -8.57 19.89
N HIS B 375 3.68 -7.60 19.27
CA HIS B 375 3.01 -6.44 18.72
C HIS B 375 3.25 -6.44 17.21
N ILE B 376 2.16 -6.47 16.43
CA ILE B 376 2.26 -6.54 14.98
C ILE B 376 1.71 -5.29 14.31
N ASN B 377 2.45 -4.75 13.35
CA ASN B 377 2.03 -3.56 12.61
C ASN B 377 0.84 -3.81 11.69
N PRO B 378 -0.02 -2.81 11.51
CA PRO B 378 -1.08 -2.88 10.50
C PRO B 378 -0.50 -3.25 9.13
N THR B 379 -0.96 -4.38 8.60
CA THR B 379 -0.51 -4.98 7.33
C THR B 379 0.89 -5.61 7.38
N GLY B 380 1.46 -5.65 8.57
CA GLY B 380 2.76 -6.28 8.78
C GLY B 380 2.64 -7.73 9.19
N THR B 381 3.79 -8.37 9.33
CA THR B 381 3.85 -9.76 9.78
C THR B 381 5.03 -9.93 10.73
N VAL B 382 4.84 -10.74 11.75
CA VAL B 382 5.93 -11.21 12.61
C VAL B 382 6.23 -12.67 12.23
N LEU B 383 7.48 -12.93 11.87
CA LEU B 383 7.88 -14.30 11.53
C LEU B 383 8.81 -14.88 12.59
N LEU B 384 8.43 -16.04 13.11
CA LEU B 384 9.19 -16.71 14.17
C LEU B 384 9.73 -18.05 13.72
N GLN B 385 10.78 -18.52 14.40
CA GLN B 385 11.27 -19.88 14.24
C GLN B 385 11.39 -20.56 15.59
N LEU B 386 10.82 -21.76 15.68
CA LEU B 386 10.75 -22.54 16.91
C LEU B 386 11.61 -23.82 16.83
N GLU B 387 12.64 -23.93 17.67
CA GLU B 387 13.34 -25.21 17.86
C GLU B 387 12.84 -25.82 19.15
N ASN B 388 12.53 -27.12 19.09
CA ASN B 388 12.13 -27.87 20.26
C ASN B 388 13.35 -28.18 21.16
N THR B 389 13.17 -28.09 22.47
CA THR B 389 14.28 -28.26 23.42
C THR B 389 14.75 -29.71 23.61
N MET B 390 13.94 -30.69 23.19
CA MET B 390 14.42 -32.07 23.12
C MET B 390 15.50 -32.17 22.06
N GLN B 391 15.25 -31.53 20.92
CA GLN B 391 16.17 -31.54 19.78
C GLN B 391 17.44 -30.71 20.03
N MET B 392 17.35 -29.80 20.99
CA MET B 392 18.49 -28.95 21.35
C MET B 392 19.44 -29.65 22.33
N SER B 393 18.87 -30.30 23.35
CA SER B 393 19.66 -31.10 24.30
C SER B 393 20.38 -32.26 23.61
N LEU B 394 19.83 -32.69 22.47
CA LEU B 394 20.48 -33.66 21.58
C LEU B 394 21.64 -33.02 20.80
N LYS B 395 22.37 -32.12 21.48
CA LYS B 395 23.67 -31.63 21.02
C LYS B 395 24.77 -32.46 21.71
N ASP B 396 25.36 -33.39 20.96
CA ASP B 396 26.36 -34.31 21.51
C ASP B 396 27.53 -34.52 20.56
C1 NAG C . -20.79 35.03 15.87
C2 NAG C . -19.31 35.29 15.68
C3 NAG C . -19.07 36.64 15.01
C4 NAG C . -19.96 36.84 13.78
C5 NAG C . -21.40 36.58 14.20
C6 NAG C . -22.45 36.85 13.12
C7 NAG C . -17.74 34.32 17.27
C8 NAG C . -16.97 34.49 18.55
N2 NAG C . -18.59 35.29 16.94
O3 NAG C . -17.72 36.72 14.67
O4 NAG C . -19.85 38.17 13.35
O5 NAG C . -21.51 35.25 14.66
O6 NAG C . -22.00 36.46 11.84
O7 NAG C . -17.57 33.31 16.60
C1 NAG C . -19.14 38.35 12.10
C2 NAG C . -19.58 39.69 11.50
C3 NAG C . -18.69 40.14 10.33
C4 NAG C . -17.19 39.94 10.59
C5 NAG C . -17.00 38.50 11.09
C6 NAG C . -15.54 38.10 11.27
C7 NAG C . -22.02 40.28 11.51
C8 NAG C . -23.28 40.20 10.69
N2 NAG C . -20.95 39.65 11.00
O3 NAG C . -18.99 41.48 10.00
O4 NAG C . -16.48 40.14 9.38
O5 NAG C . -17.73 38.33 12.29
O6 NAG C . -14.98 38.79 12.35
O7 NAG C . -22.02 40.89 12.59
C1 BMA C . -15.56 41.25 9.47
C2 BMA C . -14.36 40.95 8.57
C3 BMA C . -13.37 42.12 8.55
C4 BMA C . -14.09 43.45 8.28
C5 BMA C . -15.27 43.63 9.23
C6 BMA C . -16.04 44.95 9.03
O2 BMA C . -14.82 40.70 7.23
O3 BMA C . -12.36 41.91 7.54
O4 BMA C . -13.15 44.52 8.42
O5 BMA C . -16.16 42.50 9.12
O6 BMA C . -16.78 44.96 7.81
C1 MAN C . -11.50 40.81 7.91
C2 MAN C . -10.18 41.28 8.56
C3 MAN C . -9.08 41.62 7.55
C4 MAN C . -9.01 40.63 6.40
C5 MAN C . -10.39 40.28 5.82
C6 MAN C . -10.27 39.13 4.84
O2 MAN C . -9.73 40.28 9.45
O3 MAN C . -7.81 41.67 8.18
O4 MAN C . -8.20 41.20 5.38
O5 MAN C . -11.28 39.88 6.85
O6 MAN C . -11.54 38.88 4.25
C1 NAG D . -30.15 25.73 0.78
C2 NAG D . -31.10 26.32 -0.28
C3 NAG D . -30.89 27.83 -0.51
C4 NAG D . -30.83 28.57 0.83
C5 NAG D . -29.72 27.95 1.69
C6 NAG D . -29.50 28.66 3.02
C7 NAG D . -31.70 24.60 -1.90
C8 NAG D . -31.36 23.98 -3.22
N2 NAG D . -30.93 25.62 -1.53
O3 NAG D . -31.93 28.35 -1.30
O4 NAG D . -30.66 29.96 0.62
O5 NAG D . -30.03 26.58 1.92
O6 NAG D . -30.59 28.43 3.90
O7 NAG D . -32.64 24.18 -1.22
C1 NAG D . -31.75 30.69 1.24
C2 NAG D . -31.54 32.20 1.12
C3 NAG D . -32.65 32.95 1.86
C4 NAG D . -34.05 32.42 1.52
C5 NAG D . -34.11 30.88 1.49
C6 NAG D . -35.42 30.40 0.89
C7 NAG D . -29.11 32.63 0.88
C8 NAG D . -27.87 33.08 1.57
N2 NAG D . -30.23 32.60 1.63
O3 NAG D . -32.58 34.33 1.53
O4 NAG D . -34.97 32.91 2.48
O5 NAG D . -33.03 30.36 0.72
O6 NAG D . -35.89 29.25 1.58
O7 NAG D . -29.08 32.31 -0.30
C1 NAG E . 11.58 -37.72 -18.25
C2 NAG E . 12.75 -37.22 -17.39
C3 NAG E . 13.35 -38.33 -16.54
C4 NAG E . 12.27 -39.14 -15.81
C5 NAG E . 11.25 -39.60 -16.85
C6 NAG E . 10.17 -40.53 -16.32
C7 NAG E . 14.10 -35.44 -18.35
C8 NAG E . 15.26 -35.13 -19.26
N2 NAG E . 13.77 -36.71 -18.27
O3 NAG E . 14.30 -37.76 -15.66
O4 NAG E . 12.86 -40.27 -15.18
O5 NAG E . 10.67 -38.46 -17.47
O6 NAG E . 9.32 -39.85 -15.42
O7 NAG E . 13.51 -34.55 -17.73
C1 NAG E . 12.93 -40.16 -13.75
C2 NAG E . 13.06 -41.58 -13.20
C3 NAG E . 13.52 -41.65 -11.74
C4 NAG E . 14.54 -40.59 -11.32
C5 NAG E . 14.18 -39.23 -11.93
C6 NAG E . 15.27 -38.20 -11.65
C7 NAG E . 11.60 -43.26 -14.21
C8 NAG E . 10.30 -44.00 -14.12
N2 NAG E . 11.80 -42.29 -13.32
O3 NAG E . 14.11 -42.91 -11.53
O4 NAG E . 14.44 -40.50 -9.92
O5 NAG E . 14.01 -39.34 -13.33
O6 NAG E . 16.40 -38.47 -12.44
O7 NAG E . 12.44 -43.57 -15.07
C1 BMA E . 15.63 -40.93 -9.21
C2 BMA E . 15.40 -40.62 -7.73
C3 BMA E . 16.55 -41.07 -6.83
C4 BMA E . 17.02 -42.49 -7.19
C5 BMA E . 17.15 -42.72 -8.71
C6 BMA E . 17.49 -44.16 -9.07
O2 BMA E . 14.18 -41.22 -7.28
O3 BMA E . 16.12 -41.06 -5.44
O4 BMA E . 18.27 -42.72 -6.54
O5 BMA E . 15.95 -42.32 -9.39
O6 BMA E . 16.37 -45.04 -8.89
C1 MAN E . 16.54 -39.96 -4.60
C2 MAN E . 15.51 -38.83 -4.59
C3 MAN E . 15.82 -37.79 -5.67
C4 MAN E . 17.27 -37.29 -5.65
C5 MAN E . 18.35 -38.33 -5.31
C6 MAN E . 19.42 -37.68 -4.42
O2 MAN E . 15.47 -38.21 -3.31
O3 MAN E . 14.94 -36.70 -5.54
O4 MAN E . 17.55 -36.77 -6.92
O5 MAN E . 17.91 -39.54 -4.66
O6 MAN E . 20.70 -37.72 -5.02
C1 NAG F . -31.98 10.38 22.01
C2 NAG F . -32.77 10.90 20.78
C3 NAG F . -34.20 11.36 21.12
C4 NAG F . -34.91 10.31 21.95
C5 NAG F . -34.10 10.11 23.24
C6 NAG F . -34.75 9.13 24.22
C7 NAG F . -31.42 11.84 18.94
C8 NAG F . -30.86 13.08 18.29
N2 NAG F . -32.11 11.99 20.08
O3 NAG F . -34.95 11.64 19.97
O4 NAG F . -36.25 10.70 22.18
O5 NAG F . -32.78 9.64 22.93
O6 NAG F . -34.64 7.80 23.75
O7 NAG F . -31.23 10.76 18.41
C1 GOL G . -14.98 9.28 13.02
O1 GOL G . -14.10 9.94 12.13
C2 GOL G . -14.26 8.94 14.33
O2 GOL G . -14.04 10.12 15.07
C3 GOL G . -15.10 7.95 15.14
O3 GOL G . -14.68 7.94 16.49
C1 GOL H . -15.30 21.44 -12.41
O1 GOL H . -16.02 20.23 -12.40
C2 GOL H . -16.06 22.49 -11.58
O2 GOL H . -16.05 22.11 -10.22
C3 GOL H . -15.40 23.85 -11.75
O3 GOL H . -16.13 24.81 -11.03
C1 NAG I . -6.83 -22.01 -32.68
C2 NAG I . -7.65 -22.90 -31.73
C3 NAG I . -8.32 -24.02 -32.52
C4 NAG I . -9.17 -23.45 -33.64
C5 NAG I . -8.30 -22.57 -34.56
C6 NAG I . -9.13 -21.91 -35.68
C7 NAG I . -6.99 -23.15 -29.34
C8 NAG I . -6.18 -24.01 -28.39
N2 NAG I . -6.87 -23.46 -30.64
O3 NAG I . -9.11 -24.79 -31.65
O4 NAG I . -9.79 -24.48 -34.37
O5 NAG I . -7.61 -21.57 -33.80
O6 NAG I . -10.02 -20.93 -35.17
O7 NAG I . -7.68 -22.23 -28.87
C1 NAG J . -7.32 -37.22 -10.95
C2 NAG J . -7.69 -38.15 -9.80
C3 NAG J . -6.85 -39.42 -9.79
C4 NAG J . -6.58 -40.00 -11.19
C5 NAG J . -6.27 -38.92 -12.22
C6 NAG J . -6.22 -39.47 -13.65
C7 NAG J . -8.53 -36.85 -7.89
C8 NAG J . -8.19 -36.14 -6.61
N2 NAG J . -7.53 -37.45 -8.53
O3 NAG J . -7.51 -40.39 -9.00
O4 NAG J . -5.51 -40.93 -11.10
O5 NAG J . -7.27 -37.93 -12.17
O6 NAG J . -5.84 -38.44 -14.53
O7 NAG J . -9.70 -36.84 -8.31
C1 GOL K . -0.41 -11.79 -18.33
O1 GOL K . -1.81 -11.69 -18.10
C2 GOL K . 0.22 -12.59 -17.20
O2 GOL K . -0.63 -13.65 -16.82
C3 GOL K . 1.59 -13.11 -17.65
O3 GOL K . 1.97 -14.23 -16.88
C1 GOL L . -3.34 -30.04 5.95
O1 GOL L . -1.98 -30.21 5.62
C2 GOL L . -3.86 -28.75 5.32
O2 GOL L . -3.97 -28.94 3.92
C3 GOL L . -5.23 -28.39 5.88
O3 GOL L . -5.08 -27.85 7.17
C1 GOL M . -6.89 -7.60 -20.14
O1 GOL M . -7.67 -7.15 -19.05
C2 GOL M . -6.30 -8.97 -19.82
O2 GOL M . -5.44 -9.35 -20.87
C3 GOL M . -5.52 -8.91 -18.51
O3 GOL M . -5.01 -10.19 -18.17
C1 GOL N . -3.55 -5.38 -15.16
O1 GOL N . -3.47 -6.79 -15.27
C2 GOL N . -3.71 -4.92 -13.71
O2 GOL N . -3.13 -5.84 -12.81
C3 GOL N . -5.19 -4.69 -13.39
O3 GOL N . -5.35 -3.48 -12.67
#